data_6I7M
#
_entry.id   6I7M
#
_cell.length_a   1.0
_cell.length_b   1.0
_cell.length_c   1.0
_cell.angle_alpha   90.0
_cell.angle_beta   90.0
_cell.angle_gamma   90.0
#
_symmetry.space_group_name_H-M   'P 1'
#
loop_
_entity.id
_entity.type
_entity.pdbx_description
1 polymer Nucleoprotein
2 polymer Nucleoprotein
#
loop_
_entity_poly.entity_id
_entity_poly.type
_entity_poly.pdbx_seq_one_letter_code
_entity_poly.pdbx_strand_id
1 'polypeptide(L)'
;NATEIRASVGKMIDGIGRFYIQMCTELKLSDYEGRLIQNSLTIERMVLSAFDERRNKYLEEHPSAGKDPKKTGGPIYRRV
DGKWRRELILYDKEEIRRIWRQANNGDDATAGLTHMMIWHSNLNDATYQRTRALVRTGMDPRMCSLMQGSTLPRRSGAAG
AAVKGVGTMVMELIRMIKRGINDRNFWRGENGRRTRIAYERMCNILKGKFQTAAQRTMVDQVRESRNPGNAEFEDLIFLA
RSALILRGSVAHKSCLPACVYGSAVASGYDFEREGYSLVGIDPFRLLQNSQVYSLIRPNENPAHKSQLVWMACHSAAFED
LRVSSFIRGTKVVPRGKLSTRGVQIASNENMETMESSTLELRSRYWAIRTRSGGNTNQQRASSGQISIQPTFSVQRNLPF
DRPTIMAAFTGNTEGRTSDMRTEIIRLMESARPEDVSFQGRGVFELSDEKATSPIVPSFDMSNEGSYFF
;
A,C
2 'polypeptide(L)' SSGQISIQPTFSVQRNLPF B,D
#
# COMPACT_ATOMS: atom_id res chain seq x y z
N ASN A 1 -17.65 -4.81 -2.88
CA ASN A 1 -18.24 -3.43 -2.71
C ASN A 1 -18.79 -3.17 -1.30
N ALA A 2 -17.86 -2.66 -0.49
CA ALA A 2 -18.09 -2.31 0.90
C ALA A 2 -18.66 -0.88 1.06
N THR A 3 -19.21 -0.31 -0.01
CA THR A 3 -19.71 1.05 0.11
C THR A 3 -21.18 1.05 0.47
N GLU A 4 -22.01 0.60 -0.46
CA GLU A 4 -23.45 0.60 -0.23
C GLU A 4 -23.77 -0.39 0.87
N ILE A 5 -23.59 -1.67 0.56
CA ILE A 5 -23.93 -2.77 1.48
C ILE A 5 -23.44 -2.53 2.91
N ARG A 6 -22.18 -2.13 3.11
CA ARG A 6 -21.69 -2.00 4.48
C ARG A 6 -22.13 -0.70 5.17
N ALA A 7 -22.35 0.32 4.37
CA ALA A 7 -22.62 1.62 4.95
C ALA A 7 -24.11 1.95 4.93
N SER A 8 -24.82 1.40 3.96
CA SER A 8 -26.25 1.62 3.88
C SER A 8 -26.97 0.87 5.00
N VAL A 9 -26.33 -0.18 5.48
CA VAL A 9 -26.99 -0.99 6.47
C VAL A 9 -26.60 -0.40 7.82
N GLY A 10 -25.47 0.30 7.79
CA GLY A 10 -25.06 1.08 8.93
C GLY A 10 -26.04 2.21 9.20
N LYS A 11 -26.58 2.74 8.12
CA LYS A 11 -27.46 3.84 8.23
C LYS A 11 -28.77 3.35 8.77
N MET A 12 -29.07 2.10 8.50
CA MET A 12 -30.33 1.60 9.02
C MET A 12 -30.16 1.26 10.49
N ILE A 13 -28.91 0.97 10.89
CA ILE A 13 -28.64 0.63 12.26
C ILE A 13 -28.64 1.91 13.10
N ASP A 14 -28.07 3.00 12.56
CA ASP A 14 -28.07 4.33 13.19
C ASP A 14 -29.50 4.72 13.49
N GLY A 15 -30.42 4.39 12.60
CA GLY A 15 -31.77 4.87 12.83
C GLY A 15 -32.31 4.23 14.09
N ILE A 16 -32.12 2.93 14.21
CA ILE A 16 -32.71 2.19 15.31
C ILE A 16 -32.09 2.76 16.58
N GLY A 17 -30.79 2.98 16.55
CA GLY A 17 -30.06 3.53 17.69
C GLY A 17 -30.67 4.85 18.12
N ARG A 18 -30.40 5.89 17.34
CA ARG A 18 -31.00 7.20 17.49
C ARG A 18 -32.44 7.11 18.01
N PHE A 19 -33.31 6.36 17.32
CA PHE A 19 -34.67 6.26 17.77
C PHE A 19 -34.76 5.75 19.26
N TYR A 20 -34.19 4.59 19.53
CA TYR A 20 -34.15 4.06 20.86
C TYR A 20 -33.72 5.09 21.88
N ILE A 21 -32.72 5.90 21.55
CA ILE A 21 -32.26 6.92 22.45
C ILE A 21 -33.38 7.96 22.68
N GLN A 22 -33.99 8.42 21.60
CA GLN A 22 -35.08 9.43 21.68
C GLN A 22 -36.20 8.91 22.52
N MET A 23 -36.61 7.73 22.19
CA MET A 23 -37.67 7.07 22.90
C MET A 23 -37.31 6.82 24.36
N CYS A 24 -36.06 6.53 24.65
CA CYS A 24 -35.73 6.45 26.05
C CYS A 24 -35.84 7.82 26.70
N THR A 25 -35.41 8.84 25.99
CA THR A 25 -35.47 10.18 26.55
C THR A 25 -36.92 10.63 26.87
N GLU A 26 -37.91 10.06 26.17
CA GLU A 26 -39.30 10.40 26.44
C GLU A 26 -39.73 9.73 27.72
N LEU A 27 -39.54 8.42 27.76
CA LEU A 27 -39.95 7.69 28.92
C LEU A 27 -39.16 8.14 30.16
N LYS A 28 -38.19 9.00 29.96
CA LYS A 28 -37.38 9.48 31.05
C LYS A 28 -36.78 8.32 31.81
N LEU A 29 -36.46 7.20 31.13
CA LEU A 29 -35.66 6.11 31.76
C LEU A 29 -34.20 6.43 32.08
N SER A 30 -33.61 5.62 32.96
CA SER A 30 -32.22 5.76 33.35
C SER A 30 -31.33 4.95 32.42
N ASP A 31 -30.02 5.03 32.67
CA ASP A 31 -29.08 4.23 31.89
C ASP A 31 -29.31 2.76 32.16
N TYR A 32 -29.36 2.38 33.42
CA TYR A 32 -29.61 0.99 33.72
C TYR A 32 -30.95 0.58 33.19
N GLU A 33 -31.88 1.50 33.18
CA GLU A 33 -33.23 1.16 32.78
C GLU A 33 -33.41 1.21 31.27
N GLY A 34 -32.40 1.64 30.53
CA GLY A 34 -32.49 1.67 29.09
C GLY A 34 -31.78 0.46 28.56
N ARG A 35 -31.05 -0.20 29.45
CA ARG A 35 -30.28 -1.38 29.04
C ARG A 35 -31.02 -2.67 29.36
N LEU A 36 -32.26 -2.50 29.81
CA LEU A 36 -33.07 -3.61 30.22
C LEU A 36 -33.77 -4.23 29.02
N ILE A 37 -33.21 -5.31 28.52
CA ILE A 37 -33.80 -5.92 27.37
C ILE A 37 -35.29 -5.94 27.38
N GLN A 38 -35.87 -6.02 28.57
CA GLN A 38 -37.32 -5.98 28.76
C GLN A 38 -37.88 -4.69 28.14
N ASN A 39 -37.55 -3.55 28.75
CA ASN A 39 -38.00 -2.30 28.22
C ASN A 39 -37.66 -2.18 26.76
N SER A 40 -36.48 -2.58 26.33
CA SER A 40 -36.15 -2.41 24.92
C SER A 40 -37.21 -3.09 24.09
N LEU A 41 -37.49 -4.34 24.38
CA LEU A 41 -38.51 -5.09 23.64
C LEU A 41 -39.81 -4.36 23.50
N THR A 42 -40.35 -3.94 24.61
CA THR A 42 -41.60 -3.22 24.63
C THR A 42 -41.52 -2.09 23.61
N ILE A 43 -40.46 -1.30 23.67
CA ILE A 43 -40.33 -0.21 22.74
C ILE A 43 -40.34 -0.68 21.28
N GLU A 44 -39.61 -1.75 21.01
CA GLU A 44 -39.50 -2.20 19.65
C GLU A 44 -40.85 -2.58 19.10
N ARG A 45 -41.66 -3.21 19.95
CA ARG A 45 -42.95 -3.68 19.49
C ARG A 45 -43.96 -2.52 19.33
N MET A 46 -43.94 -1.55 20.27
CA MET A 46 -44.67 -0.26 20.15
C MET A 46 -44.53 0.35 18.80
N VAL A 47 -43.42 0.05 18.15
CA VAL A 47 -43.12 0.77 16.95
C VAL A 47 -43.61 -0.03 15.80
N LEU A 48 -43.31 -1.32 15.80
CA LEU A 48 -43.69 -2.16 14.71
C LEU A 48 -45.23 -2.21 14.61
N SER A 49 -45.89 -2.13 15.78
CA SER A 49 -47.34 -2.08 15.85
C SER A 49 -47.82 -0.79 15.18
N ALA A 50 -47.20 0.33 15.57
CA ALA A 50 -47.64 1.61 15.06
C ALA A 50 -47.39 1.73 13.56
N PHE A 51 -46.42 1.02 13.01
CA PHE A 51 -46.17 1.13 11.61
C PHE A 51 -46.82 -0.02 10.85
N ASP A 52 -47.86 -0.63 11.47
CA ASP A 52 -48.53 -1.82 10.91
C ASP A 52 -49.72 -2.31 11.76
N THR A 72 -50.38 2.87 20.58
CA THR A 72 -50.16 1.58 21.26
C THR A 72 -49.40 1.82 22.53
N GLY A 73 -49.31 0.79 23.36
CA GLY A 73 -48.71 0.91 24.68
C GLY A 73 -47.91 -0.34 24.94
N GLY A 74 -47.48 -0.51 26.19
CA GLY A 74 -46.72 -1.70 26.54
C GLY A 74 -46.17 -1.65 27.97
N PRO A 75 -45.56 -2.78 28.40
CA PRO A 75 -45.05 -2.95 29.74
C PRO A 75 -43.68 -2.27 29.90
N ILE A 76 -43.58 -1.38 30.88
CA ILE A 76 -42.33 -0.68 31.08
C ILE A 76 -41.84 -0.75 32.51
N TYR A 77 -40.71 -1.41 32.73
CA TYR A 77 -40.21 -1.63 34.08
C TYR A 77 -39.27 -0.53 34.59
N ARG A 78 -39.53 -0.14 35.83
CA ARG A 78 -38.83 0.97 36.43
C ARG A 78 -38.09 0.49 37.66
N ARG A 79 -37.04 1.23 38.05
CA ARG A 79 -36.21 0.82 39.20
C ARG A 79 -36.37 1.77 40.37
N VAL A 80 -37.00 1.32 41.45
CA VAL A 80 -37.04 2.13 42.69
C VAL A 80 -36.20 1.47 43.78
N ASP A 81 -35.76 2.25 44.77
CA ASP A 81 -34.97 1.72 45.90
C ASP A 81 -35.28 0.23 46.10
N GLY A 82 -34.38 -0.66 45.69
CA GLY A 82 -34.57 -2.08 45.96
C GLY A 82 -35.27 -2.89 44.90
N LYS A 83 -36.53 -2.55 44.61
CA LYS A 83 -37.42 -3.41 43.78
C LYS A 83 -37.84 -2.85 42.44
N TRP A 84 -38.37 -3.69 41.57
CA TRP A 84 -38.68 -3.24 40.21
C TRP A 84 -40.15 -2.97 40.02
N ARG A 85 -40.48 -1.80 39.49
CA ARG A 85 -41.88 -1.44 39.32
C ARG A 85 -42.27 -1.49 37.85
N ARG A 86 -43.31 -2.27 37.54
CA ARG A 86 -43.80 -2.39 36.17
C ARG A 86 -44.83 -1.31 35.87
N GLU A 87 -44.60 -0.46 34.88
CA GLU A 87 -45.61 0.52 34.44
C GLU A 87 -46.32 0.12 33.17
N LEU A 88 -47.63 0.24 33.18
CA LEU A 88 -48.39 -0.07 31.99
C LEU A 88 -48.66 1.23 31.29
N ILE A 89 -48.05 1.49 30.13
CA ILE A 89 -48.23 2.82 29.48
C ILE A 89 -48.70 2.75 28.06
N LEU A 90 -49.18 3.90 27.58
CA LEU A 90 -49.71 4.02 26.20
C LEU A 90 -49.17 5.27 25.51
N TYR A 91 -48.92 5.18 24.21
CA TYR A 91 -48.38 6.33 23.43
C TYR A 91 -49.16 6.60 22.13
N ASP A 92 -49.19 7.84 21.69
CA ASP A 92 -49.87 8.15 20.48
C ASP A 92 -49.32 7.34 19.32
N LYS A 93 -50.08 6.37 18.85
CA LYS A 93 -49.57 5.54 17.74
C LYS A 93 -48.87 6.38 16.68
N GLU A 94 -49.26 7.65 16.53
CA GLU A 94 -48.67 8.46 15.46
C GLU A 94 -47.46 9.16 15.98
N GLU A 95 -47.56 9.60 17.23
CA GLU A 95 -46.39 10.15 17.82
C GLU A 95 -45.18 9.22 17.60
N ILE A 96 -45.43 7.92 17.78
CA ILE A 96 -44.35 6.92 17.65
C ILE A 96 -43.82 6.96 16.25
N ARG A 97 -44.74 7.00 15.30
CA ARG A 97 -44.36 7.03 13.91
C ARG A 97 -43.61 8.31 13.59
N ARG A 98 -43.93 9.37 14.32
CA ARG A 98 -43.29 10.64 14.09
C ARG A 98 -41.82 10.59 14.57
N ILE A 99 -41.67 10.14 15.80
CA ILE A 99 -40.34 10.05 16.41
C ILE A 99 -39.43 9.14 15.60
N TRP A 100 -39.99 8.04 15.09
CA TRP A 100 -39.26 7.10 14.28
C TRP A 100 -38.63 7.83 13.10
N ARG A 101 -39.44 8.50 12.26
CA ARG A 101 -38.91 9.10 11.03
C ARG A 101 -37.90 10.19 11.40
N GLN A 102 -38.23 10.97 12.42
CA GLN A 102 -37.30 11.95 12.87
C GLN A 102 -35.92 11.35 12.95
N ALA A 103 -35.82 10.12 13.47
CA ALA A 103 -34.50 9.47 13.66
C ALA A 103 -33.95 9.06 12.34
N ASN A 104 -34.76 8.49 11.46
CA ASN A 104 -34.29 8.14 10.09
C ASN A 104 -34.35 9.23 9.01
N ASN A 105 -34.19 10.49 9.42
CA ASN A 105 -34.29 11.57 8.43
C ASN A 105 -35.65 11.70 7.73
N GLY A 106 -36.72 11.38 8.43
CA GLY A 106 -38.02 11.47 7.81
C GLY A 106 -38.24 10.38 6.79
N ASP A 107 -37.31 9.42 6.74
CA ASP A 107 -37.49 8.25 5.91
C ASP A 107 -38.36 7.20 6.57
N ASP A 108 -38.65 6.15 5.82
CA ASP A 108 -39.49 5.09 6.37
C ASP A 108 -38.61 4.01 6.99
N ALA A 109 -37.50 3.81 6.29
CA ALA A 109 -36.51 2.83 6.65
C ALA A 109 -37.23 1.55 6.98
N THR A 110 -37.90 0.95 6.00
CA THR A 110 -38.63 -0.30 6.26
C THR A 110 -37.62 -1.32 6.73
N ALA A 111 -36.45 -1.28 6.12
CA ALA A 111 -35.38 -2.14 6.57
C ALA A 111 -35.27 -2.14 8.10
N GLY A 112 -35.21 -0.94 8.66
CA GLY A 112 -35.10 -0.81 10.09
C GLY A 112 -36.16 -1.52 10.91
N LEU A 113 -37.42 -1.41 10.49
CA LEU A 113 -38.52 -2.00 11.23
C LEU A 113 -38.43 -3.50 11.03
N THR A 114 -38.05 -3.88 9.81
CA THR A 114 -37.94 -5.24 9.42
C THR A 114 -36.85 -5.86 10.25
N HIS A 115 -35.84 -5.06 10.61
CA HIS A 115 -34.68 -5.57 11.38
C HIS A 115 -35.13 -6.02 12.76
N MET A 116 -35.98 -5.23 13.40
CA MET A 116 -36.42 -5.55 14.73
C MET A 116 -37.49 -6.55 14.54
N MET A 117 -37.98 -6.65 13.30
CA MET A 117 -39.04 -7.62 12.97
C MET A 117 -38.35 -8.96 13.07
N ILE A 118 -37.07 -9.02 12.73
CA ILE A 118 -36.34 -10.29 12.80
C ILE A 118 -35.77 -10.60 14.20
N TRP A 119 -35.33 -9.55 14.87
CA TRP A 119 -34.73 -9.76 16.14
C TRP A 119 -35.80 -10.47 16.96
N HIS A 120 -37.04 -10.09 16.74
CA HIS A 120 -38.11 -10.68 17.47
C HIS A 120 -38.22 -12.10 16.99
N SER A 121 -38.15 -12.26 15.67
CA SER A 121 -38.28 -13.60 15.11
C SER A 121 -37.27 -14.56 15.73
N ASN A 122 -36.01 -14.19 15.65
CA ASN A 122 -34.97 -15.05 16.05
C ASN A 122 -35.00 -15.42 17.53
N LEU A 123 -35.62 -14.52 18.32
CA LEU A 123 -35.86 -14.72 19.71
C LEU A 123 -37.01 -15.68 19.89
N ASN A 124 -37.93 -15.71 18.95
CA ASN A 124 -39.10 -16.53 19.17
C ASN A 124 -38.81 -17.94 18.68
N ASP A 125 -37.97 -18.03 17.67
CA ASP A 125 -37.62 -19.30 17.15
C ASP A 125 -36.70 -20.05 18.16
N ALA A 126 -36.25 -19.35 19.18
CA ALA A 126 -35.41 -19.96 20.20
C ALA A 126 -36.10 -20.10 21.55
N THR A 127 -37.01 -19.19 21.87
CA THR A 127 -37.69 -19.25 23.14
C THR A 127 -38.75 -20.32 23.07
N TYR A 128 -39.38 -20.47 21.89
CA TYR A 128 -40.53 -21.40 21.71
C TYR A 128 -40.42 -22.46 20.64
N GLN A 129 -41.16 -23.52 20.83
CA GLN A 129 -41.22 -24.58 19.87
C GLN A 129 -42.62 -24.61 19.33
N ARG A 130 -42.74 -24.55 18.01
CA ARG A 130 -44.05 -24.30 17.40
C ARG A 130 -44.60 -25.61 16.83
N THR A 131 -45.01 -26.50 17.73
CA THR A 131 -45.45 -27.83 17.31
C THR A 131 -46.92 -27.79 17.00
N ARG A 132 -47.68 -27.14 17.90
CA ARG A 132 -49.14 -27.06 17.77
C ARG A 132 -49.54 -26.69 16.33
N ALA A 133 -48.80 -25.74 15.78
CA ALA A 133 -49.06 -25.24 14.44
C ALA A 133 -48.63 -26.18 13.34
N LEU A 134 -47.52 -26.90 13.54
CA LEU A 134 -46.97 -27.76 12.45
C LEU A 134 -47.92 -28.93 12.14
N VAL A 135 -48.41 -29.52 13.23
CA VAL A 135 -49.25 -30.70 13.17
C VAL A 135 -50.64 -30.33 12.62
N ARG A 136 -51.21 -29.26 13.20
CA ARG A 136 -52.48 -28.73 12.73
C ARG A 136 -52.39 -28.37 11.23
N THR A 137 -51.20 -28.06 10.75
CA THR A 137 -50.96 -27.91 9.30
C THR A 137 -50.77 -29.26 8.61
N GLY A 138 -50.19 -30.23 9.31
CA GLY A 138 -50.05 -31.55 8.72
C GLY A 138 -48.60 -31.77 8.33
N MET A 139 -47.74 -31.17 9.16
CA MET A 139 -46.26 -31.25 9.07
C MET A 139 -45.79 -32.05 10.29
N ASP A 140 -44.70 -32.79 10.13
CA ASP A 140 -44.24 -33.56 11.27
C ASP A 140 -43.56 -32.67 12.34
N PRO A 141 -43.99 -32.79 13.63
CA PRO A 141 -43.45 -31.94 14.72
C PRO A 141 -41.94 -31.99 14.79
N ARG A 142 -41.38 -33.10 14.38
CA ARG A 142 -39.94 -33.20 14.28
C ARG A 142 -39.31 -32.41 13.15
N MET A 143 -40.05 -31.50 12.54
CA MET A 143 -39.50 -30.66 11.46
C MET A 143 -39.17 -29.26 11.96
N CYS A 144 -38.84 -29.16 13.25
CA CYS A 144 -38.35 -27.93 13.91
C CYS A 144 -37.31 -27.14 13.16
N SER A 145 -36.21 -27.80 12.75
CA SER A 145 -35.07 -27.16 12.06
C SER A 145 -35.37 -26.53 10.68
N LEU A 146 -36.63 -26.55 10.29
CA LEU A 146 -37.06 -26.06 9.02
C LEU A 146 -38.05 -24.94 9.25
N MET A 147 -38.43 -24.66 10.49
CA MET A 147 -39.38 -23.58 10.74
C MET A 147 -38.75 -22.22 11.13
N GLN A 148 -37.59 -21.91 10.57
CA GLN A 148 -36.94 -20.65 10.84
C GLN A 148 -37.67 -19.39 10.32
N GLY A 149 -38.32 -18.68 11.22
CA GLY A 149 -38.99 -17.47 10.82
C GLY A 149 -40.47 -17.75 10.62
N SER A 150 -40.98 -18.84 11.17
CA SER A 150 -42.39 -19.04 11.06
C SER A 150 -43.18 -17.90 11.75
N THR A 151 -42.55 -17.15 12.66
CA THR A 151 -43.29 -16.12 13.43
C THR A 151 -43.25 -14.78 12.71
N LEU A 152 -42.40 -14.77 11.70
CA LEU A 152 -42.04 -13.52 11.09
C LEU A 152 -43.16 -13.02 10.20
N PRO A 153 -43.84 -11.95 10.64
CA PRO A 153 -44.98 -11.43 9.83
C PRO A 153 -44.65 -11.36 8.31
N ARG A 154 -45.61 -11.74 7.49
CA ARG A 154 -45.53 -11.61 6.03
C ARG A 154 -45.09 -10.21 5.58
N ARG A 155 -45.51 -9.17 6.32
CA ARG A 155 -45.06 -7.80 6.10
C ARG A 155 -43.51 -7.71 5.97
N SER A 156 -42.79 -8.66 6.54
CA SER A 156 -41.34 -8.67 6.43
C SER A 156 -40.93 -8.42 4.99
N GLY A 157 -39.77 -7.81 4.83
CA GLY A 157 -39.31 -7.49 3.50
C GLY A 157 -38.78 -8.63 2.68
N ALA A 158 -38.20 -8.28 1.55
CA ALA A 158 -37.67 -9.28 0.65
C ALA A 158 -36.45 -10.00 1.28
N ALA A 159 -35.67 -9.29 2.09
CA ALA A 159 -34.43 -9.82 2.66
C ALA A 159 -34.83 -10.36 4.03
N GLY A 160 -36.14 -10.14 4.33
CA GLY A 160 -36.79 -10.74 5.48
C GLY A 160 -37.22 -12.19 5.26
N ALA A 161 -37.60 -12.55 4.04
CA ALA A 161 -38.04 -13.89 3.78
C ALA A 161 -36.81 -14.75 3.54
N ALA A 162 -35.73 -14.19 3.00
CA ALA A 162 -34.51 -15.02 2.75
C ALA A 162 -33.99 -15.75 4.01
N VAL A 163 -34.44 -15.29 5.17
CA VAL A 163 -33.97 -15.84 6.42
C VAL A 163 -34.82 -17.04 6.74
N LYS A 164 -36.00 -17.15 6.08
CA LYS A 164 -36.94 -18.28 6.31
C LYS A 164 -36.46 -19.70 5.97
N GLY A 165 -36.78 -20.64 6.85
CA GLY A 165 -36.47 -22.04 6.56
C GLY A 165 -37.43 -22.64 5.56
N VAL A 166 -37.00 -23.70 4.87
CA VAL A 166 -37.80 -24.39 3.83
C VAL A 166 -39.19 -24.76 4.40
N GLY A 167 -39.16 -25.38 5.57
CA GLY A 167 -40.34 -25.73 6.28
C GLY A 167 -41.21 -24.54 6.54
N THR A 168 -40.64 -23.35 6.59
CA THR A 168 -41.48 -22.19 6.96
C THR A 168 -42.44 -21.90 5.83
N MET A 169 -41.94 -22.06 4.63
CA MET A 169 -42.67 -21.67 3.48
C MET A 169 -43.85 -22.60 3.30
N VAL A 170 -43.55 -23.90 3.38
CA VAL A 170 -44.54 -24.96 3.31
C VAL A 170 -45.76 -24.75 4.26
N MET A 171 -45.56 -24.36 5.50
CA MET A 171 -46.66 -24.18 6.40
C MET A 171 -47.66 -23.14 5.90
N GLU A 172 -47.14 -22.22 5.06
CA GLU A 172 -47.91 -21.09 4.52
C GLU A 172 -48.77 -21.54 3.33
N LEU A 173 -48.09 -21.87 2.23
CA LEU A 173 -48.72 -22.44 1.08
C LEU A 173 -49.77 -23.49 1.48
N ILE A 174 -49.39 -24.47 2.29
CA ILE A 174 -50.33 -25.47 2.80
C ILE A 174 -51.57 -24.85 3.45
N ARG A 175 -51.45 -23.70 4.10
CA ARG A 175 -52.66 -23.14 4.71
C ARG A 175 -53.40 -22.32 3.68
N MET A 176 -52.62 -21.63 2.85
CA MET A 176 -53.18 -20.81 1.78
C MET A 176 -53.97 -21.77 0.89
N ILE A 177 -53.30 -22.84 0.43
CA ILE A 177 -53.94 -23.94 -0.30
C ILE A 177 -55.05 -24.65 0.49
N LYS A 178 -54.80 -25.07 1.73
CA LYS A 178 -55.79 -25.85 2.49
C LYS A 178 -57.16 -25.15 2.62
N ARG A 179 -57.18 -23.87 2.94
CA ARG A 179 -58.47 -23.21 3.02
C ARG A 179 -59.17 -22.97 1.65
N GLY A 180 -58.36 -22.61 0.64
CA GLY A 180 -58.82 -22.41 -0.76
C GLY A 180 -59.31 -23.70 -1.37
N ILE A 181 -58.42 -24.68 -1.51
CA ILE A 181 -58.80 -26.00 -2.00
C ILE A 181 -59.81 -26.61 -1.06
N ASN A 182 -60.00 -26.20 0.08
CA ASN A 182 -61.09 -26.70 0.91
C ASN A 182 -62.32 -25.91 0.50
N ARG A 193 -58.24 -13.64 -6.09
CA ARG A 193 -57.94 -13.41 -7.50
C ARG A 193 -56.44 -13.26 -7.75
N ARG A 194 -55.92 -12.15 -7.25
CA ARG A 194 -54.52 -11.78 -7.36
C ARG A 194 -53.66 -12.73 -6.52
N THR A 195 -54.33 -13.47 -5.64
CA THR A 195 -53.72 -14.49 -4.79
C THR A 195 -52.77 -15.44 -5.51
N ARG A 196 -52.87 -15.50 -6.84
CA ARG A 196 -52.04 -16.38 -7.66
C ARG A 196 -50.54 -16.02 -7.79
N ILE A 197 -50.25 -14.76 -8.14
CA ILE A 197 -48.87 -14.28 -8.24
C ILE A 197 -48.07 -14.59 -6.97
N ALA A 198 -48.77 -14.51 -5.83
CA ALA A 198 -48.22 -14.90 -4.53
C ALA A 198 -47.75 -16.33 -4.61
N TYR A 199 -48.70 -17.25 -4.84
CA TYR A 199 -48.42 -18.68 -4.82
C TYR A 199 -47.21 -19.05 -5.64
N GLU A 200 -47.13 -18.56 -6.88
CA GLU A 200 -46.01 -18.89 -7.78
C GLU A 200 -44.72 -18.38 -7.21
N ARG A 201 -44.72 -17.11 -6.82
CA ARG A 201 -43.53 -16.53 -6.22
C ARG A 201 -43.14 -17.26 -4.93
N MET A 202 -44.11 -17.43 -4.03
CA MET A 202 -43.89 -18.12 -2.79
C MET A 202 -43.20 -19.42 -3.11
N CYS A 203 -43.46 -19.99 -4.29
CA CYS A 203 -42.76 -21.24 -4.63
C CYS A 203 -41.38 -20.94 -5.20
N ASN A 204 -41.25 -19.82 -5.89
CA ASN A 204 -39.99 -19.54 -6.56
C ASN A 204 -38.92 -19.34 -5.53
N ILE A 205 -39.33 -18.62 -4.49
CA ILE A 205 -38.56 -18.44 -3.26
C ILE A 205 -38.29 -19.81 -2.68
N LEU A 206 -39.37 -20.57 -2.48
CA LEU A 206 -39.30 -21.90 -1.99
C LEU A 206 -38.21 -22.59 -2.78
N LYS A 207 -38.31 -22.51 -4.12
CA LYS A 207 -37.41 -23.29 -4.98
C LYS A 207 -36.00 -22.79 -4.85
N GLY A 208 -35.90 -21.49 -4.58
CA GLY A 208 -34.59 -20.88 -4.50
C GLY A 208 -33.88 -21.25 -3.21
N LYS A 209 -34.60 -21.97 -2.34
CA LYS A 209 -34.01 -22.50 -1.12
C LYS A 209 -33.21 -23.76 -1.49
N PHE A 210 -33.82 -24.62 -2.31
CA PHE A 210 -33.16 -25.83 -2.78
C PHE A 210 -31.92 -25.51 -3.58
N GLN A 211 -30.93 -26.36 -3.46
CA GLN A 211 -29.66 -26.25 -4.15
C GLN A 211 -29.24 -27.56 -4.83
N THR A 212 -30.21 -28.29 -5.38
CA THR A 212 -29.95 -29.51 -6.16
C THR A 212 -30.95 -29.65 -7.29
N ALA A 213 -30.48 -30.18 -8.43
CA ALA A 213 -31.32 -30.44 -9.60
C ALA A 213 -32.79 -30.77 -9.24
N ALA A 214 -33.02 -32.04 -8.86
CA ALA A 214 -34.34 -32.60 -8.60
C ALA A 214 -35.17 -31.72 -7.67
N GLN A 215 -34.54 -31.36 -6.55
CA GLN A 215 -35.13 -30.49 -5.56
C GLN A 215 -35.73 -29.33 -6.32
N ARG A 216 -34.87 -28.66 -7.08
CA ARG A 216 -35.25 -27.51 -7.86
C ARG A 216 -36.40 -27.90 -8.81
N THR A 217 -36.22 -28.99 -9.56
CA THR A 217 -37.19 -29.37 -10.59
C THR A 217 -38.55 -29.73 -9.99
N MET A 218 -38.53 -30.39 -8.83
CA MET A 218 -39.79 -30.93 -8.27
C MET A 218 -40.74 -29.85 -7.74
N VAL A 219 -40.15 -28.68 -7.53
CA VAL A 219 -40.84 -27.56 -6.97
C VAL A 219 -41.72 -27.02 -8.06
N ASP A 220 -41.14 -27.03 -9.28
CA ASP A 220 -41.86 -26.63 -10.50
C ASP A 220 -43.08 -27.55 -10.74
N GLN A 221 -42.84 -28.86 -10.65
CA GLN A 221 -43.91 -29.83 -10.83
C GLN A 221 -45.06 -29.54 -9.86
N VAL A 222 -44.76 -28.87 -8.75
CA VAL A 222 -45.76 -28.44 -7.77
C VAL A 222 -46.48 -27.15 -8.15
N ARG A 223 -45.69 -26.18 -8.60
CA ARG A 223 -46.18 -24.89 -9.03
C ARG A 223 -47.05 -24.93 -10.32
N GLU A 224 -47.23 -26.13 -10.87
CA GLU A 224 -48.00 -26.28 -12.11
C GLU A 224 -49.51 -26.16 -11.94
N SER A 225 -50.04 -26.57 -10.78
CA SER A 225 -51.49 -26.63 -10.59
C SER A 225 -52.14 -25.34 -10.04
N ARG A 226 -53.20 -24.87 -10.71
CA ARG A 226 -53.89 -23.65 -10.29
C ARG A 226 -54.59 -23.90 -8.97
N ASN A 227 -55.26 -25.04 -8.88
CA ASN A 227 -55.95 -25.40 -7.66
C ASN A 227 -55.24 -26.63 -7.11
N PRO A 228 -53.99 -26.48 -6.62
CA PRO A 228 -53.18 -27.63 -6.18
C PRO A 228 -53.79 -28.31 -4.96
N GLY A 229 -54.30 -29.53 -5.13
CA GLY A 229 -54.97 -30.18 -4.00
C GLY A 229 -53.98 -31.05 -3.26
N ASN A 230 -54.51 -32.01 -2.49
CA ASN A 230 -53.70 -33.02 -1.83
C ASN A 230 -52.54 -33.59 -2.64
N ALA A 231 -52.65 -33.53 -3.97
CA ALA A 231 -51.56 -33.89 -4.88
C ALA A 231 -50.28 -33.15 -4.47
N GLU A 232 -50.43 -31.83 -4.34
CA GLU A 232 -49.35 -30.93 -3.94
C GLU A 232 -49.17 -31.08 -2.41
N PHE A 233 -50.27 -30.83 -1.66
CA PHE A 233 -50.31 -30.97 -0.19
C PHE A 233 -49.38 -32.11 0.27
N GLU A 234 -49.58 -33.31 -0.28
CA GLU A 234 -48.69 -34.40 0.01
C GLU A 234 -47.26 -34.24 -0.58
N ASP A 235 -47.11 -33.64 -1.76
CA ASP A 235 -45.75 -33.61 -2.34
C ASP A 235 -44.72 -32.66 -1.69
N LEU A 236 -45.17 -31.48 -1.26
CA LEU A 236 -44.29 -30.46 -0.71
C LEU A 236 -43.78 -30.97 0.64
N ILE A 237 -44.70 -31.59 1.38
CA ILE A 237 -44.39 -32.21 2.65
C ILE A 237 -43.20 -33.12 2.47
N PHE A 238 -43.21 -33.85 1.36
CA PHE A 238 -42.06 -34.70 0.96
C PHE A 238 -40.73 -33.87 0.89
N LEU A 239 -40.76 -32.89 -0.02
CA LEU A 239 -39.70 -31.92 -0.26
C LEU A 239 -39.29 -31.28 1.10
N ALA A 240 -40.27 -31.03 1.97
CA ALA A 240 -39.97 -30.54 3.32
C ALA A 240 -38.96 -31.49 4.03
N ARG A 241 -39.30 -32.77 3.96
CA ARG A 241 -38.46 -33.78 4.53
C ARG A 241 -37.15 -33.97 3.76
N SER A 242 -37.12 -33.62 2.49
CA SER A 242 -35.88 -33.81 1.72
C SER A 242 -34.79 -32.85 2.22
N ALA A 243 -35.22 -31.73 2.79
CA ALA A 243 -34.36 -30.64 3.21
C ALA A 243 -33.68 -30.96 4.52
N LEU A 244 -34.23 -31.97 5.21
CA LEU A 244 -33.71 -32.54 6.45
C LEU A 244 -32.45 -33.24 6.13
N ILE A 245 -32.23 -33.54 4.86
CA ILE A 245 -31.05 -34.27 4.49
C ILE A 245 -30.26 -33.45 3.48
N LEU A 246 -30.96 -32.96 2.45
CA LEU A 246 -30.37 -32.10 1.40
C LEU A 246 -30.95 -30.74 1.73
N ARG A 247 -30.23 -30.01 2.57
CA ARG A 247 -30.75 -28.79 3.13
C ARG A 247 -30.76 -27.79 2.00
N GLY A 248 -31.41 -26.64 2.22
CA GLY A 248 -31.35 -25.52 1.30
C GLY A 248 -30.51 -24.34 1.78
N SER A 249 -30.57 -23.28 1.00
CA SER A 249 -29.88 -22.06 1.35
C SER A 249 -30.84 -21.19 2.15
N VAL A 250 -30.51 -21.01 3.42
CA VAL A 250 -31.24 -20.06 4.26
C VAL A 250 -30.26 -19.16 4.98
N ALA A 251 -30.33 -17.88 4.62
CA ALA A 251 -29.61 -16.81 5.30
C ALA A 251 -29.95 -16.68 6.80
N HIS A 252 -28.91 -16.37 7.59
CA HIS A 252 -29.03 -16.07 9.01
C HIS A 252 -28.55 -14.63 9.26
N LYS A 253 -29.33 -13.86 9.99
CA LYS A 253 -29.07 -12.44 10.25
C LYS A 253 -28.91 -12.20 11.76
N SER A 254 -27.75 -11.68 12.18
CA SER A 254 -27.48 -11.38 13.58
C SER A 254 -28.17 -10.10 13.97
N CYS A 255 -29.37 -10.18 14.49
CA CYS A 255 -30.10 -8.93 14.78
C CYS A 255 -30.21 -8.68 16.23
N LEU A 256 -29.50 -7.67 16.76
CA LEU A 256 -29.46 -7.41 18.20
C LEU A 256 -30.60 -6.53 18.63
N PRO A 257 -30.98 -6.50 19.93
CA PRO A 257 -32.07 -5.70 20.52
C PRO A 257 -31.84 -4.24 20.29
N ALA A 258 -32.89 -3.45 20.23
CA ALA A 258 -32.75 -2.02 20.02
C ALA A 258 -31.77 -1.33 20.98
N CYS A 259 -31.75 -1.81 22.22
CA CYS A 259 -30.97 -1.17 23.22
C CYS A 259 -29.47 -1.23 22.86
N VAL A 260 -29.10 -2.33 22.25
CA VAL A 260 -27.72 -2.57 21.98
C VAL A 260 -27.26 -1.56 20.95
N TYR A 261 -28.02 -1.37 19.86
CA TYR A 261 -27.76 -0.35 18.87
C TYR A 261 -27.92 1.05 19.46
N GLY A 262 -29.01 1.32 20.19
CA GLY A 262 -29.13 2.64 20.90
C GLY A 262 -27.91 2.98 21.73
N SER A 263 -27.50 2.05 22.55
CA SER A 263 -26.36 2.31 23.40
C SER A 263 -25.10 2.60 22.57
N ALA A 264 -24.89 1.85 21.51
CA ALA A 264 -23.77 1.97 20.61
C ALA A 264 -23.75 3.31 19.91
N VAL A 265 -24.90 3.74 19.44
CA VAL A 265 -25.03 5.02 18.75
C VAL A 265 -24.68 6.14 19.71
N ALA A 266 -25.16 6.01 20.93
CA ALA A 266 -24.95 6.98 21.99
C ALA A 266 -23.51 7.06 22.40
N SER A 267 -22.79 5.93 22.29
CA SER A 267 -21.37 5.85 22.58
C SER A 267 -20.52 6.40 21.48
N GLY A 268 -21.12 7.06 20.51
CA GLY A 268 -20.30 7.60 19.52
C GLY A 268 -20.29 6.80 18.24
N TYR A 269 -20.50 5.47 18.27
CA TYR A 269 -20.37 4.69 17.02
C TYR A 269 -21.26 5.21 16.00
N ASP A 270 -20.66 5.55 14.87
CA ASP A 270 -21.39 6.17 13.77
C ASP A 270 -21.37 5.22 12.58
N PHE A 271 -22.20 4.18 12.64
CA PHE A 271 -22.12 3.02 11.75
C PHE A 271 -22.19 3.31 10.28
N GLU A 272 -23.15 4.11 9.85
CA GLU A 272 -23.14 4.53 8.42
C GLU A 272 -21.76 4.98 7.89
N ARG A 273 -20.92 5.53 8.73
CA ARG A 273 -19.60 5.96 8.33
C ARG A 273 -18.62 4.87 8.50
N GLU A 274 -18.70 4.14 9.62
CA GLU A 274 -17.73 3.06 9.91
C GLU A 274 -18.20 1.71 9.41
N GLY A 275 -19.38 1.60 8.83
CA GLY A 275 -19.78 0.34 8.28
C GLY A 275 -20.22 -0.65 9.34
N TYR A 276 -21.16 -1.51 8.96
CA TYR A 276 -21.67 -2.53 9.84
C TYR A 276 -22.20 -3.74 9.03
N SER A 277 -22.22 -4.97 9.62
CA SER A 277 -22.80 -6.16 8.95
C SER A 277 -23.73 -6.89 9.88
N LEU A 278 -24.51 -7.80 9.30
CA LEU A 278 -25.36 -8.70 10.07
C LEU A 278 -24.87 -10.15 9.91
N VAL A 279 -23.83 -10.36 9.09
CA VAL A 279 -23.35 -11.73 8.87
C VAL A 279 -21.81 -11.74 8.97
N GLY A 280 -21.25 -10.61 9.42
CA GLY A 280 -19.79 -10.56 9.64
C GLY A 280 -19.37 -10.58 11.06
N ILE A 281 -18.24 -9.92 11.31
CA ILE A 281 -17.71 -9.81 12.68
C ILE A 281 -18.35 -8.63 13.45
N ASP A 282 -19.06 -7.77 12.73
CA ASP A 282 -19.57 -6.54 13.32
C ASP A 282 -20.48 -6.88 14.51
N PRO A 283 -21.46 -7.76 14.26
CA PRO A 283 -22.43 -8.01 15.32
C PRO A 283 -21.75 -8.65 16.50
N PHE A 284 -20.94 -9.67 16.31
CA PHE A 284 -20.26 -10.22 17.48
C PHE A 284 -19.47 -9.13 18.21
N ARG A 285 -18.70 -8.32 17.50
CA ARG A 285 -17.85 -7.33 18.16
C ARG A 285 -18.69 -6.36 19.00
N LEU A 286 -19.81 -5.91 18.43
CA LEU A 286 -20.69 -5.04 19.14
C LEU A 286 -21.13 -5.71 20.43
N LEU A 287 -21.56 -6.98 20.37
CA LEU A 287 -21.99 -7.68 21.57
C LEU A 287 -20.83 -7.98 22.52
N GLN A 288 -19.60 -7.63 22.16
CA GLN A 288 -18.48 -7.92 23.05
C GLN A 288 -18.36 -6.84 24.11
N ASN A 289 -19.16 -5.78 23.95
CA ASN A 289 -19.11 -4.63 24.87
C ASN A 289 -20.48 -4.17 25.35
N SER A 290 -21.50 -4.92 25.00
CA SER A 290 -22.84 -4.54 25.30
C SER A 290 -23.09 -4.76 26.78
N GLN A 291 -23.86 -3.87 27.39
CA GLN A 291 -24.16 -4.00 28.80
C GLN A 291 -25.66 -4.23 28.90
N VAL A 292 -26.13 -5.39 28.49
CA VAL A 292 -27.55 -5.60 28.51
C VAL A 292 -28.00 -6.30 29.77
N TYR A 293 -29.03 -5.73 30.40
CA TYR A 293 -29.62 -6.35 31.57
C TYR A 293 -30.99 -6.97 31.30
N SER A 294 -31.33 -7.97 32.11
CA SER A 294 -32.61 -8.64 31.94
C SER A 294 -33.35 -9.01 33.21
N LEU A 295 -34.67 -8.89 33.20
CA LEU A 295 -35.48 -9.32 34.35
C LEU A 295 -35.44 -10.81 34.42
N ILE A 296 -35.35 -11.29 35.64
CA ILE A 296 -35.15 -12.72 35.88
C ILE A 296 -35.98 -13.21 37.05
N ARG A 297 -36.85 -14.18 36.76
CA ARG A 297 -37.70 -14.78 37.80
C ARG A 297 -36.91 -15.49 38.92
N PRO A 298 -37.49 -15.56 40.16
CA PRO A 298 -36.83 -16.04 41.40
C PRO A 298 -36.06 -17.35 41.28
N ASN A 299 -36.68 -18.35 40.67
CA ASN A 299 -35.96 -19.60 40.53
C ASN A 299 -35.14 -19.83 39.25
N GLU A 300 -35.02 -18.81 38.40
CA GLU A 300 -34.39 -19.02 37.08
C GLU A 300 -32.89 -18.88 37.16
N ASN A 301 -32.20 -19.48 36.20
CA ASN A 301 -30.77 -19.49 36.20
C ASN A 301 -30.27 -18.43 35.28
N PRO A 302 -29.53 -17.43 35.82
CA PRO A 302 -28.99 -16.34 34.98
C PRO A 302 -28.20 -16.84 33.75
N ALA A 303 -27.32 -17.80 34.01
CA ALA A 303 -26.41 -18.27 32.99
C ALA A 303 -27.22 -18.83 31.85
N HIS A 304 -28.39 -19.36 32.24
CA HIS A 304 -29.28 -20.04 31.33
C HIS A 304 -30.01 -18.96 30.55
N LYS A 305 -30.31 -17.85 31.23
CA LYS A 305 -31.02 -16.74 30.58
C LYS A 305 -30.18 -16.14 29.46
N SER A 306 -28.92 -15.79 29.80
CA SER A 306 -28.00 -15.25 28.83
C SER A 306 -27.90 -16.16 27.60
N GLN A 307 -27.83 -17.48 27.84
CA GLN A 307 -27.70 -18.38 26.75
C GLN A 307 -28.78 -18.09 25.72
N LEU A 308 -30.02 -18.11 26.19
CA LEU A 308 -31.21 -17.87 25.34
C LEU A 308 -31.02 -16.67 24.43
N VAL A 309 -31.05 -15.47 25.03
CA VAL A 309 -30.72 -14.24 24.28
C VAL A 309 -29.56 -14.34 23.28
N TRP A 310 -28.47 -14.95 23.71
CA TRP A 310 -27.33 -15.13 22.82
C TRP A 310 -27.71 -15.91 21.58
N MET A 311 -28.62 -16.87 21.71
CA MET A 311 -28.93 -17.73 20.56
C MET A 311 -29.88 -16.99 19.65
N ALA A 312 -30.68 -16.08 20.23
CA ALA A 312 -31.52 -15.20 19.42
C ALA A 312 -30.71 -14.12 18.74
N CYS A 313 -29.57 -13.76 19.29
CA CYS A 313 -28.78 -12.77 18.58
C CYS A 313 -28.12 -13.26 17.28
N HIS A 314 -28.04 -14.57 17.13
CA HIS A 314 -27.53 -15.06 15.88
C HIS A 314 -28.38 -16.11 15.09
N SER A 315 -29.61 -16.38 15.52
CA SER A 315 -30.43 -17.35 14.77
C SER A 315 -29.71 -18.72 14.90
N ALA A 316 -29.37 -19.06 16.16
CA ALA A 316 -28.66 -20.30 16.44
C ALA A 316 -29.62 -21.18 17.18
N ALA A 317 -30.92 -21.09 16.86
CA ALA A 317 -31.90 -21.92 17.62
C ALA A 317 -31.99 -23.27 17.02
N PHE A 318 -31.37 -23.52 15.87
CA PHE A 318 -31.51 -24.81 15.25
C PHE A 318 -30.12 -25.17 14.82
N GLU A 319 -29.13 -24.58 15.48
CA GLU A 319 -27.77 -24.88 15.08
C GLU A 319 -27.32 -26.12 15.87
N ASP A 320 -26.22 -26.76 15.46
CA ASP A 320 -25.73 -27.91 16.19
C ASP A 320 -25.15 -27.44 17.52
N LEU A 321 -25.74 -27.88 18.67
CA LEU A 321 -25.34 -27.37 19.97
C LEU A 321 -23.84 -27.41 20.10
N ARG A 322 -23.23 -28.46 19.51
CA ARG A 322 -21.78 -28.65 19.60
C ARG A 322 -21.04 -27.43 19.13
N VAL A 323 -21.40 -26.97 17.94
CA VAL A 323 -20.76 -25.80 17.35
C VAL A 323 -21.12 -24.51 18.09
N SER A 324 -22.42 -24.32 18.41
CA SER A 324 -22.85 -23.18 19.19
C SER A 324 -22.01 -23.05 20.44
N SER A 325 -21.78 -24.14 21.17
CA SER A 325 -20.98 -24.07 22.39
C SER A 325 -19.53 -23.80 22.08
N PHE A 326 -19.11 -24.21 20.89
CA PHE A 326 -17.73 -24.14 20.55
C PHE A 326 -17.42 -22.68 20.39
N ILE A 327 -18.22 -22.02 19.57
CA ILE A 327 -18.06 -20.61 19.26
C ILE A 327 -18.40 -19.72 20.49
N ARG A 328 -19.46 -20.15 21.19
CA ARG A 328 -19.94 -19.46 22.36
C ARG A 328 -18.85 -19.31 23.39
N GLY A 329 -18.12 -20.39 23.63
CA GLY A 329 -17.07 -20.29 24.60
C GLY A 329 -17.38 -21.08 25.83
N THR A 330 -18.68 -21.39 26.00
CA THR A 330 -19.21 -22.11 27.16
C THR A 330 -20.37 -23.04 26.81
N LYS A 331 -20.71 -23.94 27.70
CA LYS A 331 -21.84 -24.83 27.40
C LYS A 331 -23.10 -24.15 26.84
N VAL A 332 -23.64 -24.73 25.79
CA VAL A 332 -24.87 -24.28 25.22
C VAL A 332 -25.87 -25.38 25.48
N VAL A 333 -26.52 -25.24 26.61
CA VAL A 333 -27.41 -26.29 27.05
C VAL A 333 -28.70 -26.36 26.24
N PRO A 334 -29.24 -27.56 26.00
CA PRO A 334 -30.49 -27.83 25.28
C PRO A 334 -31.69 -27.17 25.90
N ARG A 335 -32.75 -27.04 25.11
CA ARG A 335 -33.92 -26.28 25.52
C ARG A 335 -34.52 -26.90 26.75
N GLY A 336 -34.74 -28.21 26.74
CA GLY A 336 -35.35 -28.84 27.91
C GLY A 336 -34.66 -28.54 29.23
N LYS A 337 -33.33 -28.64 29.24
CA LYS A 337 -32.55 -28.43 30.42
C LYS A 337 -32.36 -26.97 30.70
N LEU A 338 -32.96 -26.12 29.88
CA LEU A 338 -32.85 -24.70 30.09
C LEU A 338 -33.82 -24.18 31.09
N SER A 339 -33.30 -23.46 32.06
CA SER A 339 -34.12 -22.87 33.10
C SER A 339 -34.68 -21.48 32.82
N THR A 340 -35.77 -21.43 32.06
CA THR A 340 -36.41 -20.15 31.78
C THR A 340 -37.64 -20.41 30.88
N ARG A 341 -38.59 -19.48 31.00
CA ARG A 341 -39.90 -19.68 30.38
C ARG A 341 -40.06 -18.63 29.28
N GLY A 342 -39.26 -17.58 29.35
CA GLY A 342 -39.40 -16.55 28.36
C GLY A 342 -38.91 -15.27 28.92
N VAL A 343 -38.43 -14.42 28.01
CA VAL A 343 -37.76 -13.23 28.42
C VAL A 343 -38.72 -12.12 28.82
N GLN A 344 -39.89 -12.10 28.16
CA GLN A 344 -40.92 -11.11 28.46
C GLN A 344 -41.64 -11.53 29.70
N ILE A 345 -42.06 -10.53 30.45
CA ILE A 345 -42.73 -10.78 31.69
C ILE A 345 -44.24 -10.64 31.48
N ALA A 346 -44.98 -11.68 31.87
CA ALA A 346 -46.42 -11.68 31.72
C ALA A 346 -47.10 -10.88 32.81
N SER A 347 -48.28 -10.34 32.49
CA SER A 347 -49.14 -9.54 33.42
C SER A 347 -49.54 -10.31 34.69
N ASN A 348 -49.40 -11.62 34.61
CA ASN A 348 -49.77 -12.52 35.65
C ASN A 348 -48.83 -12.37 36.82
N GLU A 349 -47.54 -12.23 36.53
CA GLU A 349 -46.51 -12.35 37.54
C GLU A 349 -46.49 -11.17 38.42
N ASN A 350 -45.72 -11.20 39.48
CA ASN A 350 -45.69 -10.04 40.34
C ASN A 350 -44.31 -9.55 40.40
N MET A 351 -44.14 -8.30 40.79
CA MET A 351 -42.81 -7.71 40.86
C MET A 351 -42.08 -7.93 42.19
N GLU A 352 -42.83 -8.32 43.23
CA GLU A 352 -42.25 -8.38 44.54
C GLU A 352 -41.12 -9.37 44.43
N THR A 353 -41.42 -10.54 43.86
CA THR A 353 -40.45 -11.61 43.78
C THR A 353 -39.75 -11.57 42.44
N MET A 354 -39.22 -10.42 42.08
CA MET A 354 -38.60 -10.28 40.76
C MET A 354 -37.28 -9.53 40.91
N GLU A 355 -36.25 -9.97 40.20
CA GLU A 355 -34.97 -9.30 40.24
C GLU A 355 -34.35 -9.38 38.83
N SER A 356 -33.15 -8.84 38.66
CA SER A 356 -32.60 -8.70 37.31
C SER A 356 -31.12 -9.02 37.25
N SER A 357 -30.66 -9.68 36.19
CA SER A 357 -29.26 -10.01 36.04
C SER A 357 -28.63 -9.41 34.79
N THR A 358 -27.32 -9.45 34.72
CA THR A 358 -26.58 -8.92 33.60
C THR A 358 -26.29 -10.08 32.65
N LEU A 359 -26.76 -9.90 31.40
CA LEU A 359 -26.75 -10.94 30.41
C LEU A 359 -25.36 -11.12 29.87
N GLU A 360 -24.89 -12.37 29.83
CA GLU A 360 -23.59 -12.70 29.25
C GLU A 360 -23.74 -12.96 27.75
N LEU A 361 -23.39 -11.95 26.94
CA LEU A 361 -23.53 -12.07 25.47
C LEU A 361 -22.25 -12.21 24.66
N ARG A 362 -21.12 -12.07 25.36
CA ARG A 362 -19.81 -12.25 24.75
C ARG A 362 -19.67 -13.67 24.19
N SER A 363 -18.86 -13.85 23.16
CA SER A 363 -18.59 -15.16 22.60
C SER A 363 -17.10 -15.39 22.46
N ARG A 364 -16.71 -16.63 22.28
CA ARG A 364 -15.29 -16.97 22.20
C ARG A 364 -14.77 -16.56 20.83
N TYR A 365 -15.28 -17.20 19.79
CA TYR A 365 -14.90 -16.86 18.44
C TYR A 365 -16.13 -16.32 17.73
N TRP A 366 -16.01 -16.14 16.42
CA TRP A 366 -17.11 -15.79 15.54
C TRP A 366 -17.01 -16.54 14.25
N ALA A 367 -18.13 -16.57 13.52
CA ALA A 367 -18.20 -17.30 12.29
C ALA A 367 -19.09 -16.66 11.21
N ILE A 368 -18.71 -16.80 9.95
CA ILE A 368 -19.50 -16.13 8.95
C ILE A 368 -20.93 -16.69 8.93
N ARG A 369 -21.93 -16.01 9.49
CA ARG A 369 -23.28 -16.62 9.46
C ARG A 369 -23.54 -16.94 7.99
N THR A 370 -23.71 -18.24 7.63
CA THR A 370 -23.94 -18.64 6.21
C THR A 370 -25.41 -18.71 5.78
N ARG A 371 -25.59 -19.10 4.52
CA ARG A 371 -26.91 -19.27 3.92
C ARG A 371 -27.08 -20.70 3.40
N SER A 372 -26.00 -21.20 2.83
CA SER A 372 -25.88 -22.58 2.35
C SER A 372 -26.28 -23.70 3.31
N GLY A 373 -27.00 -24.69 2.83
CA GLY A 373 -27.27 -25.89 3.61
C GLY A 373 -26.23 -27.02 3.50
N GLY A 374 -25.06 -26.81 2.83
CA GLY A 374 -24.11 -27.92 2.52
C GLY A 374 -24.57 -28.96 1.47
N ASN A 375 -23.64 -29.57 0.75
CA ASN A 375 -23.98 -30.73 -0.11
C ASN A 375 -22.77 -31.66 -0.44
N THR A 376 -23.05 -32.95 -0.70
CA THR A 376 -22.00 -33.88 -1.16
C THR A 376 -22.30 -34.46 -2.56
N ASP A 435 -21.39 -36.75 6.97
CA ASP A 435 -20.94 -36.01 5.77
C ASP A 435 -20.54 -34.59 6.05
N VAL A 436 -19.25 -34.31 5.90
CA VAL A 436 -18.67 -33.02 6.24
C VAL A 436 -19.21 -31.94 5.33
N SER A 437 -19.70 -30.81 5.88
CA SER A 437 -20.05 -29.60 5.08
C SER A 437 -19.13 -28.37 5.31
N PHE A 438 -19.26 -27.35 4.45
CA PHE A 438 -18.44 -26.15 4.56
C PHE A 438 -16.97 -26.52 4.69
N GLN A 439 -16.54 -27.43 3.81
CA GLN A 439 -15.17 -27.94 3.82
C GLN A 439 -14.17 -26.77 3.82
N GLY A 440 -13.17 -26.80 4.70
CA GLY A 440 -12.24 -25.68 4.75
C GLY A 440 -12.65 -24.40 5.53
N ARG A 441 -13.98 -24.10 5.58
CA ARG A 441 -14.53 -22.98 6.36
C ARG A 441 -14.27 -23.21 7.82
N GLY A 442 -13.94 -22.15 8.56
CA GLY A 442 -13.64 -22.27 10.00
C GLY A 442 -14.20 -21.13 10.84
N VAL A 443 -13.58 -20.94 12.00
CA VAL A 443 -14.08 -19.94 12.95
C VAL A 443 -13.02 -18.90 13.07
N PHE A 444 -13.43 -17.68 13.41
CA PHE A 444 -12.41 -16.64 13.50
C PHE A 444 -12.31 -16.11 14.90
N GLU A 445 -11.08 -15.77 15.28
CA GLU A 445 -10.84 -15.07 16.52
C GLU A 445 -11.52 -13.70 16.44
N LEU A 446 -11.77 -13.13 17.62
CA LEU A 446 -12.43 -11.85 17.66
C LEU A 446 -11.46 -10.72 17.35
N SER A 447 -10.14 -11.01 17.34
CA SER A 447 -9.16 -10.05 16.88
C SER A 447 -9.11 -10.03 15.33
N ASP A 448 -9.40 -11.15 14.71
CA ASP A 448 -9.26 -11.32 13.27
C ASP A 448 -10.35 -10.60 12.54
N GLU A 449 -10.14 -9.31 12.39
CA GLU A 449 -11.19 -8.43 11.87
C GLU A 449 -11.54 -8.78 10.45
N LYS A 450 -10.48 -8.89 9.67
CA LYS A 450 -10.51 -9.36 8.29
C LYS A 450 -10.82 -10.85 8.36
N ALA A 451 -11.24 -11.44 7.26
CA ALA A 451 -11.47 -12.89 7.32
C ALA A 451 -10.19 -13.71 7.10
N THR A 452 -9.06 -13.11 7.42
CA THR A 452 -7.76 -13.66 7.15
C THR A 452 -7.56 -15.09 7.54
N SER A 453 -7.25 -15.37 8.81
CA SER A 453 -6.96 -16.73 9.23
C SER A 453 -8.09 -17.50 9.91
N PRO A 454 -8.52 -18.61 9.28
CA PRO A 454 -9.66 -19.47 9.73
C PRO A 454 -9.20 -20.52 10.72
N ILE A 455 -10.11 -21.06 11.52
CA ILE A 455 -9.74 -22.05 12.52
C ILE A 455 -10.68 -23.18 12.40
N VAL A 456 -10.15 -24.39 12.29
CA VAL A 456 -10.99 -25.56 12.13
C VAL A 456 -11.22 -26.28 13.45
N PRO A 457 -12.48 -26.46 13.83
CA PRO A 457 -12.84 -27.13 15.07
C PRO A 457 -12.85 -28.63 14.95
N SER A 458 -12.38 -29.27 16.00
CA SER A 458 -12.32 -30.71 16.03
C SER A 458 -13.26 -31.07 17.16
N PHE A 459 -14.34 -31.78 16.85
CA PHE A 459 -15.36 -32.15 17.87
C PHE A 459 -15.13 -33.43 18.69
N ASP A 460 -13.96 -34.09 18.52
CA ASP A 460 -13.64 -35.24 19.35
C ASP A 460 -13.68 -34.64 20.74
N MET A 461 -14.71 -34.97 21.53
CA MET A 461 -14.93 -34.25 22.80
C MET A 461 -16.15 -34.73 23.56
N SER A 462 -16.21 -34.47 24.86
CA SER A 462 -17.39 -34.90 25.61
C SER A 462 -18.37 -33.80 25.43
N ASN A 463 -19.20 -33.93 24.41
CA ASN A 463 -20.16 -32.89 24.03
C ASN A 463 -21.41 -33.01 24.89
N GLU A 464 -22.50 -32.35 24.48
CA GLU A 464 -23.74 -32.39 25.25
C GLU A 464 -24.97 -32.43 24.31
N GLY A 465 -24.90 -33.17 23.21
CA GLY A 465 -26.02 -33.14 22.26
C GLY A 465 -25.75 -32.28 21.01
N SER A 466 -26.74 -32.31 20.12
CA SER A 466 -26.68 -31.50 18.92
C SER A 466 -28.01 -30.81 18.64
N TYR A 467 -29.10 -31.29 19.21
CA TYR A 467 -30.41 -30.77 18.93
C TYR A 467 -30.97 -29.88 20.04
N PHE A 468 -30.80 -28.57 19.95
CA PHE A 468 -31.41 -27.68 20.92
C PHE A 468 -32.84 -28.10 21.31
N PHE A 469 -33.58 -28.73 20.40
CA PHE A 469 -34.94 -29.15 20.72
C PHE A 469 -35.14 -30.68 20.78
N SER B 1 -41.40 -39.11 20.36
CA SER B 1 -40.32 -38.20 19.89
C SER B 1 -40.62 -36.74 20.23
N SER B 2 -41.32 -36.06 19.31
CA SER B 2 -41.60 -34.61 19.38
C SER B 2 -40.32 -33.72 19.42
N GLY B 3 -39.18 -34.19 18.92
CA GLY B 3 -37.99 -33.38 19.11
C GLY B 3 -37.40 -33.02 17.78
N GLN B 4 -36.22 -32.44 17.75
CA GLN B 4 -35.54 -32.22 16.48
C GLN B 4 -35.05 -33.52 15.81
N ILE B 5 -34.60 -33.45 14.55
CA ILE B 5 -34.16 -34.62 13.76
C ILE B 5 -32.99 -34.25 12.81
N SER B 6 -32.87 -32.96 12.57
CA SER B 6 -31.79 -32.43 11.76
C SER B 6 -31.35 -31.11 12.36
N ILE B 7 -30.15 -30.69 12.00
CA ILE B 7 -29.61 -29.42 12.41
C ILE B 7 -29.57 -28.41 11.28
N GLN B 8 -30.18 -27.24 11.49
CA GLN B 8 -30.10 -26.10 10.53
C GLN B 8 -28.79 -25.35 10.71
N PRO B 9 -27.97 -25.25 9.69
CA PRO B 9 -26.65 -24.65 9.96
C PRO B 9 -26.67 -23.11 10.00
N THR B 10 -26.03 -22.52 11.00
CA THR B 10 -26.06 -21.07 11.13
C THR B 10 -24.72 -20.52 10.82
N PHE B 11 -23.66 -21.31 10.86
CA PHE B 11 -22.36 -20.73 10.56
C PHE B 11 -21.57 -21.50 9.51
N SER B 12 -20.51 -20.88 9.01
CA SER B 12 -19.74 -21.48 7.98
C SER B 12 -18.52 -22.14 8.64
N VAL B 13 -18.64 -23.43 8.95
CA VAL B 13 -17.49 -24.16 9.50
C VAL B 13 -17.49 -25.63 9.07
N GLN B 14 -16.34 -26.27 9.18
CA GLN B 14 -16.22 -27.70 8.91
C GLN B 14 -16.98 -28.54 9.95
N ARG B 15 -18.21 -28.90 9.58
CA ARG B 15 -19.10 -29.60 10.48
C ARG B 15 -19.97 -30.66 9.83
N ASN B 16 -19.81 -31.89 10.33
CA ASN B 16 -20.71 -32.97 9.94
C ASN B 16 -22.13 -32.53 10.26
N LEU B 17 -23.01 -32.44 9.28
CA LEU B 17 -24.31 -31.98 9.64
C LEU B 17 -25.25 -33.09 10.09
N PRO B 18 -25.67 -33.11 11.37
CA PRO B 18 -26.56 -34.15 11.93
C PRO B 18 -28.00 -34.22 11.46
N PHE B 19 -28.40 -35.45 11.17
CA PHE B 19 -29.79 -35.82 10.85
C PHE B 19 -29.97 -37.26 11.27
N ASN C 1 15.25 10.19 2.61
CA ASN C 1 14.61 11.52 2.31
C ASN C 1 14.84 11.99 0.86
N ALA C 2 13.87 11.57 0.04
CA ALA C 2 13.82 11.86 -1.37
C ALA C 2 13.14 13.22 -1.67
N THR C 3 13.05 14.09 -0.68
CA THR C 3 12.37 15.36 -0.93
C THR C 3 13.36 16.42 -1.35
N GLU C 4 14.22 16.83 -0.41
CA GLU C 4 15.18 17.87 -0.69
C GLU C 4 16.17 17.36 -1.72
N ILE C 5 17.00 16.40 -1.30
CA ILE C 5 18.07 15.85 -2.13
C ILE C 5 17.62 15.52 -3.56
N ARG C 6 16.50 14.84 -3.75
CA ARG C 6 16.12 14.45 -5.10
C ARG C 6 15.47 15.57 -5.91
N ALA C 7 14.83 16.49 -5.21
CA ALA C 7 14.06 17.50 -5.91
C ALA C 7 14.81 18.83 -5.96
N SER C 8 15.66 19.07 -4.98
CA SER C 8 16.44 20.29 -4.98
C SER C 8 17.53 20.24 -6.05
N VAL C 9 17.89 19.02 -6.42
CA VAL C 9 18.98 18.89 -7.36
C VAL C 9 18.33 18.88 -8.74
N GLY C 10 17.05 18.51 -8.73
CA GLY C 10 16.24 18.62 -9.92
C GLY C 10 16.06 20.08 -10.32
N LYS C 11 15.99 20.92 -9.30
CA LYS C 11 15.76 22.30 -9.54
C LYS C 11 17.02 22.90 -10.08
N MET C 12 18.14 22.32 -9.72
CA MET C 12 19.37 22.88 -10.24
C MET C 12 19.57 22.41 -11.67
N ILE C 13 18.97 21.25 -12.00
CA ILE C 13 19.09 20.72 -13.32
C ILE C 13 18.17 21.50 -14.27
N ASP C 14 16.95 21.83 -13.80
CA ASP C 14 15.98 22.67 -14.54
C ASP C 14 16.66 23.96 -14.93
N GLY C 15 17.48 24.50 -14.05
CA GLY C 15 18.04 25.80 -14.37
C GLY C 15 18.92 25.68 -15.59
N ILE C 16 19.77 24.66 -15.59
CA ILE C 16 20.75 24.52 -16.64
C ILE C 16 19.97 24.33 -17.94
N GLY C 17 18.92 23.51 -17.87
CA GLY C 17 18.08 23.24 -19.03
C GLY C 17 17.52 24.54 -19.59
N ARG C 18 16.54 25.09 -18.88
CA ARG C 18 15.97 26.39 -19.18
C ARG C 18 17.01 27.36 -19.73
N PHE C 19 18.12 27.57 -19.01
CA PHE C 19 19.12 28.47 -19.51
C PHE C 19 19.62 28.08 -20.96
N TYR C 20 20.11 26.86 -21.10
CA TYR C 20 20.53 26.37 -22.38
C TYR C 20 19.51 26.65 -23.47
N ILE C 21 18.23 26.46 -23.17
CA ILE C 21 17.20 26.72 -24.13
C ILE C 21 17.17 28.23 -24.49
N GLN C 22 17.20 29.08 -23.48
CA GLN C 22 17.19 30.56 -23.67
C GLN C 22 18.35 30.98 -24.52
N MET C 23 19.49 30.52 -24.10
CA MET C 23 20.71 30.82 -24.80
C MET C 23 20.71 30.26 -26.21
N CYS C 24 20.11 29.12 -26.43
CA CYS C 24 20.00 28.70 -27.81
C CYS C 24 19.08 29.64 -28.57
N THR C 25 18.01 30.05 -27.92
CA THR C 25 17.07 30.94 -28.60
C THR C 25 17.71 32.29 -29.02
N GLU C 26 18.77 32.71 -28.31
CA GLU C 26 19.45 33.94 -28.65
C GLU C 26 20.28 33.70 -29.89
N LEU C 27 21.14 32.70 -29.81
CA LEU C 27 21.99 32.42 -30.93
C LEU C 27 21.18 32.03 -32.16
N LYS C 28 19.89 31.90 -32.00
CA LYS C 28 19.02 31.52 -33.10
C LYS C 28 19.52 30.24 -33.74
N LEU C 29 20.11 29.32 -32.95
CA LEU C 29 20.42 27.95 -33.46
C LEU C 29 19.21 27.05 -33.75
N SER C 30 19.46 26.00 -34.54
CA SER C 30 18.44 25.03 -34.89
C SER C 30 18.42 23.90 -33.86
N ASP C 31 17.49 22.96 -34.07
CA ASP C 31 17.43 21.79 -33.19
C ASP C 31 18.68 20.97 -33.35
N TYR C 32 19.05 20.65 -34.57
CA TYR C 32 20.27 19.89 -34.76
C TYR C 32 21.44 20.66 -34.26
N GLU C 33 21.37 21.96 -34.36
CA GLU C 33 22.51 22.77 -33.97
C GLU C 33 22.54 23.07 -32.48
N GLY C 34 21.52 22.66 -31.75
CA GLY C 34 21.52 22.87 -30.32
C GLY C 34 21.91 21.58 -29.66
N ARG C 35 21.95 20.52 -30.47
CA ARG C 35 22.31 19.21 -29.94
C ARG C 35 23.77 18.88 -30.17
N LEU C 36 24.49 19.88 -30.68
CA LEU C 36 25.87 19.71 -31.02
C LEU C 36 26.75 19.92 -29.80
N ILE C 37 27.16 18.83 -29.20
CA ILE C 37 27.97 18.95 -28.02
C ILE C 37 28.97 20.05 -28.09
N GLN C 38 29.47 20.33 -29.28
CA GLN C 38 30.42 21.42 -29.53
C GLN C 38 29.80 22.75 -29.05
N ASN C 39 28.76 23.20 -29.73
CA ASN C 39 28.10 24.41 -29.32
C ASN C 39 27.73 24.36 -27.87
N SER C 40 27.22 23.25 -27.36
CA SER C 40 26.83 23.23 -25.96
C SER C 40 28.01 23.64 -25.11
N LEU C 41 29.15 23.00 -25.32
CA LEU C 41 30.35 23.32 -24.55
C LEU C 41 30.67 24.79 -24.52
N THR C 42 30.76 25.38 -25.69
CA THR C 42 31.06 26.78 -25.80
C THR C 42 30.12 27.56 -24.89
N ILE C 43 28.83 27.28 -24.97
CA ILE C 43 27.89 27.99 -24.13
C ILE C 43 28.20 27.80 -22.64
N GLU C 44 28.50 26.58 -22.25
CA GLU C 44 28.71 26.30 -20.85
C GLU C 44 29.87 27.10 -20.33
N ARG C 45 30.91 27.22 -21.15
CA ARG C 45 32.11 27.91 -20.70
C ARG C 45 31.91 29.44 -20.68
N MET C 46 31.22 29.99 -21.69
CA MET C 46 30.73 31.40 -21.71
C MET C 46 30.12 31.81 -20.40
N VAL C 47 29.60 30.84 -19.69
CA VAL C 47 28.82 31.19 -18.55
C VAL C 47 29.69 31.12 -17.35
N LEU C 48 30.45 30.04 -17.23
CA LEU C 48 31.29 29.86 -16.09
C LEU C 48 32.35 30.98 -16.05
N SER C 49 32.78 31.43 -17.25
CA SER C 49 33.71 32.54 -17.37
C SER C 49 33.04 33.80 -16.83
N ALA C 50 31.81 34.05 -17.29
CA ALA C 50 31.13 35.27 -16.90
C ALA C 50 30.82 35.29 -15.41
N PHE C 51 30.68 34.15 -14.77
CA PHE C 51 30.38 34.15 -13.36
C PHE C 51 31.64 33.93 -12.55
N ASP C 52 32.80 34.24 -13.14
CA ASP C 52 34.13 34.00 -12.52
C ASP C 52 35.32 34.50 -13.36
N THR C 72 32.23 37.68 -22.61
CA THR C 72 33.06 36.61 -23.17
C THR C 72 32.43 36.10 -24.43
N GLY C 73 33.17 35.28 -25.16
CA GLY C 73 32.73 34.81 -26.47
C GLY C 73 33.12 33.35 -26.60
N GLY C 74 33.02 32.82 -27.81
CA GLY C 74 33.41 31.44 -28.03
C GLY C 74 33.06 30.95 -29.43
N PRO C 75 33.51 29.71 -29.74
CA PRO C 75 33.34 29.10 -31.04
C PRO C 75 31.93 28.52 -31.21
N ILE C 76 31.24 28.95 -32.26
CA ILE C 76 29.89 28.47 -32.47
C ILE C 76 29.68 27.94 -33.87
N TYR C 77 29.42 26.64 -33.99
CA TYR C 77 29.29 26.02 -35.30
C TYR C 77 27.87 26.00 -35.86
N ARG C 78 27.80 26.35 -37.14
CA ARG C 78 26.53 26.51 -37.80
C ARG C 78 26.43 25.54 -38.96
N ARG C 79 25.20 25.22 -39.38
CA ARG C 79 25.00 24.23 -40.45
C ARG C 79 24.43 24.88 -41.71
N VAL C 80 25.23 24.97 -42.76
CA VAL C 80 24.71 25.43 -44.06
C VAL C 80 24.68 24.27 -45.07
N ASP C 81 23.84 24.38 -46.10
CA ASP C 81 23.76 23.35 -47.15
C ASP C 81 25.08 22.58 -47.24
N GLY C 82 25.12 21.35 -46.72
CA GLY C 82 26.31 20.53 -46.88
C GLY C 82 27.34 20.59 -45.79
N LYS C 83 27.92 21.78 -45.57
CA LYS C 83 29.13 21.95 -44.70
C LYS C 83 28.94 22.74 -43.43
N TRP C 84 29.89 22.65 -42.51
CA TRP C 84 29.70 23.29 -41.22
C TRP C 84 30.47 24.59 -41.10
N ARG C 85 29.81 25.65 -40.68
CA ARG C 85 30.46 26.95 -40.59
C ARG C 85 30.71 27.33 -39.14
N ARG C 86 31.96 27.61 -38.80
CA ARG C 86 32.33 28.01 -37.45
C ARG C 86 32.21 29.51 -37.28
N GLU C 87 31.38 29.99 -36.36
CA GLU C 87 31.31 31.43 -36.04
C GLU C 87 32.03 31.80 -34.76
N LEU C 88 32.82 32.85 -34.83
CA LEU C 88 33.52 33.31 -33.65
C LEU C 88 32.70 34.43 -33.08
N ILE C 89 32.06 34.25 -31.91
CA ILE C 89 31.16 35.31 -31.39
C ILE C 89 31.46 35.73 -29.98
N LEU C 90 30.93 36.89 -29.61
CA LEU C 90 31.14 37.48 -28.28
C LEU C 90 29.82 37.96 -27.67
N TYR C 91 29.66 37.82 -26.36
CA TYR C 91 28.43 38.25 -25.66
C TYR C 91 28.70 39.12 -24.42
N ASP C 92 27.77 40.00 -24.09
CA ASP C 92 27.95 40.82 -22.93
C ASP C 92 28.15 39.96 -21.69
N LYS C 93 29.36 39.93 -21.17
CA LYS C 93 29.59 39.09 -19.97
C LYS C 93 28.46 39.21 -18.96
N GLU C 94 27.77 40.36 -18.93
CA GLU C 94 26.74 40.55 -17.91
C GLU C 94 25.42 40.07 -18.44
N GLU C 95 25.20 40.32 -19.72
CA GLU C 95 24.04 39.77 -20.32
C GLU C 95 23.92 38.28 -19.98
N ILE C 96 25.06 37.58 -20.05
CA ILE C 96 25.08 36.12 -19.80
C ILE C 96 24.65 35.87 -18.39
N ARG C 97 25.20 36.67 -17.48
CA ARG C 97 24.87 36.51 -16.08
C ARG C 97 23.41 36.84 -15.84
N ARG C 98 22.86 37.71 -16.67
CA ARG C 98 21.48 38.10 -16.53
C ARG C 98 20.55 36.93 -16.95
N ILE C 99 20.83 36.41 -18.13
CA ILE C 99 20.03 35.32 -18.67
C ILE C 99 20.07 34.11 -17.77
N TRP C 100 21.24 33.84 -17.19
CA TRP C 100 21.43 32.74 -16.27
C TRP C 100 20.43 32.85 -15.13
N ARG C 101 20.43 33.96 -14.39
CA ARG C 101 19.58 34.07 -13.19
C ARG C 101 18.12 34.01 -13.61
N GLN C 102 17.80 34.69 -14.69
CA GLN C 102 16.47 34.61 -15.20
C GLN C 102 15.99 33.18 -15.17
N ALA C 103 16.86 32.24 -15.59
CA ALA C 103 16.47 30.82 -15.67
C ALA C 103 16.35 30.25 -14.30
N ASN C 104 17.29 30.55 -13.41
CA ASN C 104 17.19 30.08 -12.00
C ASN C 104 16.38 30.94 -11.02
N ASN C 105 15.35 31.61 -11.52
CA ASN C 105 14.57 32.48 -10.63
C ASN C 105 15.36 33.65 -10.00
N GLY C 106 16.34 34.17 -10.71
CA GLY C 106 17.11 35.25 -10.15
C GLY C 106 18.03 34.77 -9.05
N ASP C 107 18.12 33.45 -8.88
CA ASP C 107 19.08 32.88 -7.96
C ASP C 107 20.47 32.77 -8.56
N ASP C 108 21.41 32.36 -7.75
CA ASP C 108 22.78 32.23 -8.23
C ASP C 108 23.03 30.81 -8.73
N ALA C 109 22.41 29.91 -7.98
CA ALA C 109 22.49 28.49 -8.22
C ALA C 109 23.93 28.15 -8.46
N THR C 110 24.80 28.33 -7.46
CA THR C 110 26.21 28.03 -7.65
C THR C 110 26.32 26.57 -7.99
N ALA C 111 25.49 25.77 -7.35
CA ALA C 111 25.43 24.36 -7.68
C ALA C 111 25.41 24.16 -9.20
N GLY C 112 24.51 24.86 -9.85
CA GLY C 112 24.39 24.75 -11.29
C GLY C 112 25.65 25.00 -12.08
N LEU C 113 26.39 26.04 -11.72
CA LEU C 113 27.60 26.41 -12.45
C LEU C 113 28.65 25.36 -12.13
N THR C 114 28.63 24.93 -10.86
CA THR C 114 29.56 23.98 -10.35
C THR C 114 29.31 22.69 -11.09
N HIS C 115 28.06 22.43 -11.48
CA HIS C 115 27.70 21.17 -12.16
C HIS C 115 28.38 21.10 -13.51
N MET C 116 28.38 22.20 -14.25
CA MET C 116 28.98 22.21 -15.57
C MET C 116 30.42 22.35 -15.33
N MET C 117 30.77 22.76 -14.11
CA MET C 117 32.18 22.93 -13.74
C MET C 117 32.73 21.52 -13.69
N ILE C 118 31.90 20.55 -13.31
CA ILE C 118 32.37 19.16 -13.24
C ILE C 118 32.27 18.42 -14.59
N TRP C 119 31.22 18.73 -15.33
CA TRP C 119 31.02 18.03 -16.55
C TRP C 119 32.30 18.29 -17.35
N HIS C 120 32.83 19.49 -17.21
CA HIS C 120 34.01 19.83 -17.93
C HIS C 120 35.13 19.02 -17.33
N SER C 121 35.15 18.96 -16.01
CA SER C 121 36.21 18.22 -15.34
C SER C 121 36.27 16.78 -15.85
N ASN C 122 35.16 16.10 -15.75
CA ASN C 122 35.12 14.72 -16.03
C ASN C 122 35.47 14.37 -17.48
N LEU C 123 35.24 15.35 -18.37
CA LEU C 123 35.60 15.29 -19.75
C LEU C 123 37.09 15.49 -19.88
N ASN C 124 37.69 16.24 -18.98
CA ASN C 124 39.09 16.55 -19.17
C ASN C 124 39.93 15.44 -18.55
N ASP C 125 39.40 14.84 -17.51
CA ASP C 125 40.09 13.78 -16.88
C ASP C 125 40.08 12.52 -17.78
N ALA C 126 39.30 12.56 -18.84
CA ALA C 126 39.23 11.44 -19.78
C ALA C 126 39.83 11.76 -21.13
N THR C 127 39.78 13.01 -21.56
CA THR C 127 40.32 13.37 -22.85
C THR C 127 41.83 13.46 -22.72
N TYR C 128 42.31 13.92 -21.56
CA TYR C 128 43.76 14.17 -21.35
C TYR C 128 44.44 13.48 -20.19
N GLN C 129 45.73 13.32 -20.32
CA GLN C 129 46.52 12.74 -19.27
C GLN C 129 47.46 13.80 -18.79
N ARG C 130 47.44 14.04 -17.49
CA ARG C 130 48.11 15.23 -16.95
C ARG C 130 49.43 14.82 -16.29
N THR C 131 50.40 14.46 -17.13
CA THR C 131 51.66 13.94 -16.62
C THR C 131 52.60 15.09 -16.36
N ARG C 132 52.66 16.01 -17.35
CA ARG C 132 53.57 17.17 -17.27
C ARG C 132 53.51 17.82 -15.89
N ALA C 133 52.28 17.95 -15.39
CA ALA C 133 52.04 18.58 -14.11
C ALA C 133 52.41 17.73 -12.92
N LEU C 134 52.21 16.41 -13.01
CA LEU C 134 52.45 15.53 -11.84
C LEU C 134 53.94 15.48 -11.47
N VAL C 135 54.75 15.37 -12.52
CA VAL C 135 56.18 15.21 -12.39
C VAL C 135 56.81 16.54 -11.93
N ARG C 136 56.42 17.62 -12.62
CA ARG C 136 56.86 18.95 -12.24
C ARG C 136 56.47 19.26 -10.78
N THR C 137 55.42 18.61 -10.27
CA THR C 137 55.10 18.66 -8.84
C THR C 137 55.96 17.68 -8.03
N GLY C 138 56.31 16.54 -8.63
CA GLY C 138 57.18 15.61 -7.92
C GLY C 138 56.37 14.43 -7.47
N MET C 139 55.37 14.11 -8.31
CA MET C 139 54.45 12.97 -8.16
C MET C 139 54.77 11.98 -9.28
N ASP C 140 54.59 10.70 -9.03
CA ASP C 140 54.90 9.75 -10.08
C ASP C 140 53.83 9.75 -11.18
N PRO C 141 54.24 9.87 -12.48
CA PRO C 141 53.30 9.94 -13.62
C PRO C 141 52.32 8.78 -13.63
N ARG C 142 52.77 7.66 -13.11
CA ARG C 142 51.88 6.53 -12.95
C ARG C 142 50.82 6.69 -11.87
N MET C 143 50.62 7.89 -11.36
CA MET C 143 49.58 8.13 -10.34
C MET C 143 48.34 8.77 -10.94
N CYS C 144 48.10 8.48 -12.22
CA CYS C 144 46.88 8.87 -12.96
C CYS C 144 45.57 8.68 -12.24
N SER C 145 45.32 7.46 -11.73
CA SER C 145 44.05 7.10 -11.06
C SER C 145 43.73 7.85 -9.75
N LEU C 146 44.57 8.81 -9.41
CA LEU C 146 44.45 9.55 -8.19
C LEU C 146 44.28 11.02 -8.55
N MET C 147 44.37 11.39 -9.83
CA MET C 147 44.21 12.79 -10.20
C MET C 147 42.79 13.19 -10.68
N GLN C 148 41.77 12.57 -10.11
CA GLN C 148 40.41 12.91 -10.45
C GLN C 148 39.94 14.33 -10.07
N GLY C 149 39.87 15.21 -11.04
CA GLY C 149 39.41 16.54 -10.77
C GLY C 149 40.59 17.47 -10.60
N SER C 150 41.77 17.08 -11.08
CA SER C 150 42.85 18.01 -11.01
C SER C 150 42.55 19.30 -11.82
N THR C 151 41.61 19.25 -12.77
CA THR C 151 41.37 20.42 -13.65
C THR C 151 40.31 21.34 -13.04
N LEU C 152 39.70 20.80 -12.00
CA LEU C 152 38.51 21.41 -11.48
C LEU C 152 38.86 22.65 -10.68
N PRO C 153 38.53 23.83 -11.23
CA PRO C 153 38.87 25.08 -10.51
C PRO C 153 38.54 25.01 -9.00
N ARG C 154 39.44 25.54 -8.19
CA ARG C 154 39.23 25.69 -6.73
C ARG C 154 37.88 26.33 -6.38
N ARG C 155 37.41 27.27 -7.22
CA ARG C 155 36.08 27.86 -7.10
C ARG C 155 34.98 26.78 -6.92
N SER C 156 35.23 25.56 -7.38
CA SER C 156 34.26 24.49 -7.22
C SER C 156 33.75 24.46 -5.80
N GLY C 157 32.52 24.02 -5.64
CA GLY C 157 31.92 24.00 -4.33
C GLY C 157 32.39 22.92 -3.39
N ALA C 158 31.70 22.81 -2.27
CA ALA C 158 32.05 21.83 -1.28
C ALA C 158 31.80 20.39 -1.80
N ALA C 159 30.78 20.22 -2.64
CA ALA C 159 30.37 18.89 -3.12
C ALA C 159 31.09 18.72 -4.45
N GLY C 160 31.80 19.81 -4.82
CA GLY C 160 32.73 19.81 -5.93
C GLY C 160 34.08 19.18 -5.61
N ALA C 161 34.56 19.33 -4.38
CA ALA C 161 35.85 18.79 -4.02
C ALA C 161 35.66 17.33 -3.66
N ALA C 162 34.50 16.94 -3.13
CA ALA C 162 34.29 15.50 -2.77
C ALA C 162 34.54 14.53 -3.94
N VAL C 163 34.54 15.07 -5.16
CA VAL C 163 34.69 14.25 -6.34
C VAL C 163 36.16 14.06 -6.59
N LYS C 164 37.00 14.92 -5.97
CA LYS C 164 38.47 14.86 -6.14
C LYS C 164 39.19 13.58 -5.67
N GLY C 165 40.15 13.12 -6.48
CA GLY C 165 40.96 11.98 -6.06
C GLY C 165 42.02 12.39 -5.05
N VAL C 166 42.50 11.42 -4.26
CA VAL C 166 43.49 11.65 -3.21
C VAL C 166 44.72 12.39 -3.78
N GLY C 167 45.21 11.86 -4.90
CA GLY C 167 46.29 12.45 -5.62
C GLY C 167 45.99 13.86 -6.00
N THR C 168 44.73 14.22 -6.13
CA THR C 168 44.44 15.58 -6.63
C THR C 168 44.82 16.59 -5.57
N MET C 169 44.56 16.20 -4.34
CA MET C 169 44.71 17.10 -3.25
C MET C 169 46.19 17.38 -3.04
N VAL C 170 46.96 16.29 -3.00
CA VAL C 170 48.41 16.33 -2.88
C VAL C 170 49.09 17.30 -3.89
N MET C 171 48.72 17.30 -5.15
CA MET C 171 49.35 18.17 -6.10
C MET C 171 49.23 19.65 -5.73
N GLU C 172 48.16 19.94 -4.95
CA GLU C 172 47.82 21.30 -4.53
C GLU C 172 48.68 21.75 -3.34
N LEU C 173 48.43 21.11 -2.19
CA LEU C 173 49.23 21.30 -1.02
C LEU C 173 50.73 21.35 -1.38
N ILE C 174 51.23 20.34 -2.08
CA ILE C 174 52.63 20.34 -2.54
C ILE C 174 53.01 21.63 -3.29
N ARG C 175 52.10 22.25 -4.03
CA ARG C 175 52.51 23.46 -4.73
C ARG C 175 52.36 24.65 -3.80
N MET C 176 51.29 24.59 -3.00
CA MET C 176 51.02 25.64 -2.02
C MET C 176 52.23 25.67 -1.08
N ILE C 177 52.56 24.49 -0.51
CA ILE C 177 53.78 24.30 0.28
C ILE C 177 55.08 24.59 -0.49
N LYS C 178 55.27 24.03 -1.68
CA LYS C 178 56.54 24.18 -2.41
C LYS C 178 56.94 25.65 -2.65
N ARG C 179 56.01 26.49 -3.07
CA ARG C 179 56.38 27.89 -3.26
C ARG C 179 56.62 28.68 -1.93
N GLY C 180 55.77 28.40 -0.93
CA GLY C 180 55.87 28.99 0.43
C GLY C 180 57.14 28.55 1.13
N ILE C 181 57.27 27.24 1.39
CA ILE C 181 58.49 26.69 1.97
C ILE C 181 59.65 26.97 1.04
N ASN C 182 59.51 27.28 -0.13
CA ASN C 182 60.65 27.70 -0.96
C ASN C 182 60.86 29.17 -0.66
N ARG C 193 48.77 34.81 5.03
CA ARG C 193 48.34 34.85 6.43
C ARG C 193 47.22 33.86 6.73
N ARG C 194 46.06 34.17 6.15
CA ARG C 194 44.85 33.38 6.28
C ARG C 194 45.02 32.04 5.56
N THR C 195 46.05 31.97 4.71
CA THR C 195 46.43 30.77 3.97
C THR C 195 46.48 29.50 4.81
N ARG C 196 46.54 29.65 6.13
CA ARG C 196 46.61 28.50 7.07
C ARG C 196 45.34 27.65 7.21
N ILE C 197 44.19 28.29 7.47
CA ILE C 197 42.91 27.59 7.58
C ILE C 197 42.66 26.69 6.36
N ALA C 198 43.11 27.16 5.19
CA ALA C 198 43.08 26.39 3.95
C ALA C 198 43.83 25.10 4.17
N TYR C 199 45.13 25.21 4.44
CA TYR C 199 46.02 24.06 4.54
C TYR C 199 45.45 22.98 5.45
N GLU C 200 44.99 23.35 6.64
CA GLU C 200 44.45 22.37 7.60
C GLU C 200 43.24 21.70 7.04
N ARG C 201 42.30 22.50 6.55
CA ARG C 201 41.10 21.96 5.94
C ARG C 201 41.43 21.08 4.74
N MET C 202 42.24 21.61 3.82
CA MET C 202 42.65 20.88 2.65
C MET C 202 43.15 19.54 3.10
N CYS C 203 43.70 19.45 4.30
CA CYS C 203 44.15 18.13 4.79
C CYS C 203 42.99 17.35 5.39
N ASN C 204 42.04 18.05 5.98
CA ASN C 204 40.96 17.36 6.67
C ASN C 204 40.14 16.61 5.67
N ILE C 205 39.92 17.30 4.56
CA ILE C 205 39.32 16.75 3.34
C ILE C 205 40.17 15.59 2.89
N LEU C 206 41.47 15.87 2.72
CA LEU C 206 42.43 14.89 2.34
C LEU C 206 42.19 13.70 3.24
N LYS C 207 42.15 13.94 4.55
CA LYS C 207 42.09 12.82 5.50
C LYS C 207 40.78 12.09 5.39
N GLY C 208 39.76 12.86 5.01
CA GLY C 208 38.44 12.28 4.93
C GLY C 208 38.29 11.40 3.70
N LYS C 209 39.34 11.39 2.87
CA LYS C 209 39.39 10.49 1.72
C LYS C 209 39.78 9.09 2.22
N PHE C 210 40.79 9.04 3.09
CA PHE C 210 41.24 7.79 3.68
C PHE C 210 40.14 7.15 4.50
N GLN C 211 40.12 5.84 4.48
CA GLN C 211 39.16 5.02 5.21
C GLN C 211 39.83 3.90 6.01
N THR C 212 41.01 4.18 6.58
CA THR C 212 41.71 3.24 7.48
C THR C 212 42.44 3.99 8.58
N ALA C 213 42.47 3.38 9.77
CA ALA C 213 43.18 3.93 10.93
C ALA C 213 44.43 4.78 10.53
N ALA C 214 45.53 4.08 10.26
CA ALA C 214 46.84 4.67 10.00
C ALA C 214 46.78 5.80 8.96
N GLN C 215 46.12 5.46 7.84
CA GLN C 215 45.92 6.40 6.77
C GLN C 215 45.42 7.68 7.40
N ARG C 216 44.32 7.54 8.13
CA ARG C 216 43.69 8.66 8.80
C ARG C 216 44.71 9.33 9.74
N THR C 217 45.37 8.54 10.58
CA THR C 217 46.27 9.10 11.59
C THR C 217 47.47 9.81 10.99
N MET C 218 47.99 9.27 9.88
CA MET C 218 49.24 9.80 9.32
C MET C 218 49.10 11.17 8.68
N VAL C 219 47.84 11.50 8.39
CA VAL C 219 47.48 12.71 7.71
C VAL C 219 47.63 13.81 8.72
N ASP C 220 47.21 13.48 9.95
CA ASP C 220 47.35 14.37 11.11
C ASP C 220 48.83 14.69 11.38
N GLN C 221 49.65 13.64 11.41
CA GLN C 221 51.08 13.81 11.63
C GLN C 221 51.67 14.78 10.60
N VAL C 222 51.01 14.91 9.45
CA VAL C 222 51.39 15.85 8.40
C VAL C 222 50.90 17.28 8.65
N ARG C 223 49.63 17.36 9.05
CA ARG C 223 48.98 18.63 9.35
C ARG C 223 49.55 19.35 10.60
N GLU C 224 50.54 18.74 11.24
CA GLU C 224 51.12 19.31 12.46
C GLU C 224 52.05 20.50 12.22
N SER C 225 52.75 20.53 11.08
CA SER C 225 53.76 21.55 10.84
C SER C 225 53.26 22.85 10.16
N ARG C 226 53.58 24.00 10.76
CA ARG C 226 53.16 25.29 10.20
C ARG C 226 53.86 25.53 8.89
N ASN C 227 55.15 25.27 8.87
CA ASN C 227 55.93 25.45 7.67
C ASN C 227 56.39 24.05 7.23
N PRO C 228 55.46 23.19 6.78
CA PRO C 228 55.80 21.78 6.47
C PRO C 228 56.75 21.68 5.30
N GLY C 229 58.00 21.26 5.54
CA GLY C 229 58.96 21.24 4.46
C GLY C 229 58.98 19.87 3.82
N ASN C 230 60.09 19.57 3.12
CA ASN C 230 60.32 18.23 2.57
C ASN C 230 59.94 17.06 3.47
N ALA C 231 59.92 17.29 4.78
CA ALA C 231 59.42 16.32 5.76
C ALA C 231 58.03 15.82 5.34
N GLU C 232 57.16 16.80 5.09
CA GLU C 232 55.79 16.56 4.66
C GLU C 232 55.83 16.19 3.16
N PHE C 233 56.41 17.11 2.34
CA PHE C 233 56.59 16.93 0.89
C PHE C 233 56.85 15.44 0.56
N GLU C 234 57.84 14.85 1.20
CA GLU C 234 58.07 13.44 1.04
C GLU C 234 56.97 12.53 1.67
N ASP C 235 56.38 12.91 2.80
CA ASP C 235 55.44 11.96 3.44
C ASP C 235 54.07 11.78 2.73
N LEU C 236 53.51 12.86 2.19
CA LEU C 236 52.17 12.83 1.59
C LEU C 236 52.27 12.01 0.31
N ILE C 237 53.37 12.22 -0.41
CA ILE C 237 53.67 11.47 -1.62
C ILE C 237 53.55 9.99 -1.32
N PHE C 238 54.06 9.61 -0.15
CA PHE C 238 53.91 8.23 0.37
C PHE C 238 52.39 7.79 0.42
N LEU C 239 51.66 8.54 1.24
CA LEU C 239 50.23 8.41 1.43
C LEU C 239 49.52 8.42 0.04
N ALA C 240 50.02 9.25 -0.88
CA ALA C 240 49.51 9.23 -2.25
C ALA C 240 49.57 7.79 -2.84
N ARG C 241 50.75 7.20 -2.68
CA ARG C 241 50.96 5.86 -3.13
C ARG C 241 50.20 4.82 -2.31
N SER C 242 49.87 5.13 -1.06
CA SER C 242 49.15 4.15 -0.24
C SER C 242 47.73 3.94 -0.78
N ALA C 243 47.21 4.95 -1.45
CA ALA C 243 45.84 5.00 -1.93
C ALA C 243 45.67 4.17 -3.18
N LEU C 244 46.81 3.86 -3.80
CA LEU C 244 46.94 2.99 -4.97
C LEU C 244 46.61 1.61 -4.55
N ILE C 245 46.64 1.35 -3.25
CA ILE C 245 46.38 0.03 -2.77
C ILE C 245 45.20 0.06 -1.81
N LEU C 246 45.27 0.99 -0.85
CA LEU C 246 44.19 1.22 0.14
C LEU C 246 43.58 2.52 -0.32
N ARG C 247 42.58 2.39 -1.19
CA ARG C 247 42.05 3.55 -1.87
C ARG C 247 41.27 4.31 -0.83
N GLY C 248 40.86 5.54 -1.16
CA GLY C 248 39.94 6.31 -0.34
C GLY C 248 38.53 6.43 -0.88
N SER C 249 37.74 7.24 -0.19
CA SER C 249 36.40 7.51 -0.62
C SER C 249 36.42 8.73 -1.53
N VAL C 250 36.12 8.50 -2.80
CA VAL C 250 35.92 9.60 -3.73
C VAL C 250 34.63 9.41 -4.49
N ALA C 251 33.71 10.34 -4.24
CA ALA C 251 32.46 10.46 -4.98
C ALA C 251 32.64 10.67 -6.50
N HIS C 252 31.75 10.04 -7.27
CA HIS C 252 31.65 10.21 -8.72
C HIS C 252 30.28 10.78 -9.07
N LYS C 253 30.25 11.81 -9.89
CA LYS C 253 29.03 12.54 -10.26
C LYS C 253 28.79 12.45 -11.78
N SER C 254 27.65 11.90 -12.19
CA SER C 254 27.30 11.78 -13.60
C SER C 254 26.82 13.12 -14.13
N CYS C 255 27.70 13.91 -14.67
CA CYS C 255 27.27 15.25 -15.09
C CYS C 255 27.21 15.38 -16.57
N LEU C 256 26.01 15.48 -17.15
CA LEU C 256 25.83 15.50 -18.62
C LEU C 256 25.96 16.90 -19.15
N PRO C 257 26.25 17.09 -20.45
CA PRO C 257 26.39 18.38 -21.15
C PRO C 257 25.13 19.20 -21.03
N ALA C 258 25.25 20.51 -21.10
CA ALA C 258 24.09 21.38 -20.98
C ALA C 258 22.95 21.01 -21.96
N CYS C 259 23.34 20.58 -23.16
CA CYS C 259 22.38 20.34 -24.19
C CYS C 259 21.42 19.22 -23.76
N VAL C 260 21.97 18.26 -23.05
CA VAL C 260 21.22 17.10 -22.70
C VAL C 260 20.12 17.51 -21.75
N TYR C 261 20.44 18.29 -20.71
CA TYR C 261 19.47 18.85 -19.80
C TYR C 261 18.56 19.86 -20.50
N GLY C 262 19.11 20.79 -21.29
CA GLY C 262 18.24 21.70 -22.12
C GLY C 262 17.20 20.94 -22.92
N SER C 263 17.65 19.95 -23.65
CA SER C 263 16.73 19.20 -24.47
C SER C 263 15.64 18.53 -23.63
N ALA C 264 16.02 17.96 -22.50
CA ALA C 264 15.15 17.28 -21.58
C ALA C 264 14.11 18.21 -21.00
N VAL C 265 14.54 19.39 -20.60
CA VAL C 265 13.65 20.40 -20.02
C VAL C 265 12.62 20.79 -21.06
N ALA C 266 13.08 20.97 -22.28
CA ALA C 266 12.27 21.37 -23.40
C ALA C 266 11.26 20.31 -23.76
N SER C 267 11.61 19.04 -23.54
CA SER C 267 10.74 17.90 -23.77
C SER C 267 9.72 17.72 -22.69
N GLY C 268 9.59 18.69 -21.79
CA GLY C 268 8.61 18.53 -20.82
C GLY C 268 9.15 18.09 -19.48
N TYR C 269 10.28 17.37 -19.41
CA TYR C 269 10.72 16.85 -18.10
C TYR C 269 10.89 17.94 -17.16
N ASP C 270 10.20 17.82 -16.04
CA ASP C 270 10.19 18.86 -15.02
C ASP C 270 10.84 18.32 -13.76
N PHE C 271 12.16 18.24 -13.75
CA PHE C 271 12.94 17.49 -12.77
C PHE C 271 12.72 17.86 -11.34
N GLU C 272 12.75 19.13 -11.01
CA GLU C 272 12.38 19.52 -9.62
C GLU C 272 11.10 18.84 -9.08
N ARG C 273 10.16 18.50 -9.93
CA ARG C 273 8.94 17.85 -9.50
C ARG C 273 9.10 16.37 -9.57
N GLU C 274 9.75 15.86 -10.62
CA GLU C 274 9.92 14.40 -10.79
C GLU C 274 11.22 13.89 -10.19
N GLY C 275 12.06 14.75 -9.65
CA GLY C 275 13.25 14.26 -9.01
C GLY C 275 14.31 13.84 -10.00
N TYR C 276 15.57 14.00 -9.59
CA TYR C 276 16.71 13.63 -10.40
C TYR C 276 17.93 13.29 -9.51
N SER C 277 18.87 12.44 -9.99
CA SER C 277 20.12 12.14 -9.25
C SER C 277 21.32 12.27 -10.15
N LEU C 278 22.50 12.30 -9.52
CA LEU C 278 23.76 12.27 -10.25
C LEU C 278 24.51 10.96 -9.95
N VAL C 279 23.94 10.12 -9.08
CA VAL C 279 24.63 8.86 -8.73
C VAL C 279 23.62 7.71 -8.77
N GLY C 280 22.42 8.00 -9.30
CA GLY C 280 21.42 6.93 -9.46
C GLY C 280 21.20 6.49 -10.86
N ILE C 281 19.97 6.06 -11.12
CA ILE C 281 19.58 5.62 -12.47
C ILE C 281 19.16 6.82 -13.36
N ASP C 282 18.97 7.98 -12.74
CA ASP C 282 18.42 9.12 -13.45
C ASP C 282 19.32 9.48 -14.64
N PRO C 283 20.61 9.65 -14.36
CA PRO C 283 21.49 10.11 -15.42
C PRO C 283 21.56 9.08 -16.52
N PHE C 284 21.77 7.82 -16.22
CA PHE C 284 21.77 6.86 -17.31
C PHE C 284 20.46 6.92 -18.10
N ARG C 285 19.32 6.95 -17.43
CA ARG C 285 18.04 6.92 -18.14
C ARG C 285 17.90 8.12 -19.09
N LEU C 286 18.29 9.29 -18.60
CA LEU C 286 18.27 10.47 -19.42
C LEU C 286 19.11 10.25 -20.66
N LEU C 287 20.33 9.73 -20.51
CA LEU C 287 21.19 9.48 -21.66
C LEU C 287 20.67 8.34 -22.54
N GLN C 288 19.57 7.69 -22.16
CA GLN C 288 19.08 6.59 -22.98
C GLN C 288 18.23 7.13 -24.12
N ASN C 289 17.96 8.43 -24.08
CA ASN C 289 17.12 9.09 -25.09
C ASN C 289 17.70 10.37 -25.66
N SER C 290 18.93 10.66 -25.28
CA SER C 290 19.56 11.89 -25.66
C SER C 290 19.94 11.81 -27.13
N GLN C 291 19.82 12.91 -27.83
CA GLN C 291 20.16 12.93 -29.25
C GLN C 291 21.34 13.89 -29.38
N VAL C 292 22.50 13.50 -28.90
CA VAL C 292 23.60 14.42 -28.95
C VAL C 292 24.46 14.19 -30.17
N TYR C 293 24.76 15.28 -30.87
CA TYR C 293 25.66 15.21 -32.01
C TYR C 293 27.01 15.84 -31.75
N SER C 294 28.02 15.37 -32.48
CA SER C 294 29.36 15.89 -32.31
C SER C 294 30.18 16.09 -33.56
N LEU C 295 30.97 17.16 -33.61
CA LEU C 295 31.88 17.37 -34.75
C LEU C 295 32.96 16.35 -34.69
N ILE C 296 33.31 15.86 -35.87
CA ILE C 296 34.24 14.75 -35.99
C ILE C 296 35.21 14.94 -37.14
N ARG C 297 36.49 14.97 -36.80
CA ARG C 297 37.55 15.12 -37.82
C ARG C 297 37.59 13.97 -38.85
N PRO C 298 38.08 14.24 -40.10
CA PRO C 298 38.04 13.34 -41.27
C PRO C 298 38.50 11.91 -41.02
N ASN C 299 39.63 11.76 -40.34
CA ASN C 299 40.07 10.40 -40.07
C ASN C 299 39.65 9.75 -38.75
N GLU C 300 38.78 10.40 -37.98
CA GLU C 300 38.47 9.91 -36.63
C GLU C 300 37.36 8.88 -36.66
N ASN C 301 37.32 8.04 -35.63
CA ASN C 301 36.37 6.97 -35.58
C ASN C 301 35.21 7.39 -34.72
N PRO C 302 34.00 7.45 -35.32
CA PRO C 302 32.79 7.84 -34.55
C PRO C 302 32.59 7.02 -33.25
N ALA C 303 32.73 5.70 -33.40
CA ALA C 303 32.44 4.80 -32.32
C ALA C 303 33.35 5.13 -31.16
N HIS C 304 34.54 5.62 -31.55
CA HIS C 304 35.61 5.91 -30.62
C HIS C 304 35.26 7.23 -29.96
N LYS C 305 34.66 8.13 -30.74
CA LYS C 305 34.28 9.45 -30.22
C LYS C 305 33.23 9.31 -29.12
N SER C 306 32.15 8.58 -29.44
CA SER C 306 31.09 8.33 -28.49
C SER C 306 31.65 7.76 -27.18
N GLN C 307 32.60 6.82 -27.31
CA GLN C 307 33.15 6.21 -26.14
C GLN C 307 33.61 7.29 -25.18
N LEU C 308 34.47 8.16 -25.69
CA LEU C 308 35.06 9.28 -24.91
C LEU C 308 34.00 10.01 -24.10
N VAL C 309 33.15 10.78 -24.79
CA VAL C 309 31.98 11.41 -24.13
C VAL C 309 31.25 10.56 -23.09
N TRP C 310 30.99 9.31 -23.42
CA TRP C 310 30.33 8.41 -22.49
C TRP C 310 31.12 8.28 -21.20
N MET C 311 32.45 8.31 -21.28
CA MET C 311 33.25 8.07 -20.07
C MET C 311 33.30 9.34 -19.26
N ALA C 312 33.18 10.49 -19.95
CA ALA C 312 33.06 11.77 -19.25
C ALA C 312 31.69 11.94 -18.63
N CYS C 313 30.68 11.29 -19.16
CA CYS C 313 29.39 11.41 -18.51
C CYS C 313 29.26 10.70 -17.15
N HIS C 314 30.18 9.79 -16.89
CA HIS C 314 30.16 9.18 -15.59
C HIS C 314 31.48 9.19 -14.75
N SER C 315 32.51 9.90 -15.19
CA SER C 315 33.75 9.92 -14.40
C SER C 315 34.30 8.46 -14.39
N ALA C 316 34.37 7.88 -15.60
CA ALA C 316 34.83 6.51 -15.75
C ALA C 316 36.15 6.58 -16.45
N ALA C 317 36.94 7.63 -16.19
CA ALA C 317 38.24 7.75 -16.91
C ALA C 317 39.28 6.97 -16.21
N PHE C 318 39.01 6.44 -15.02
CA PHE C 318 40.04 5.74 -14.30
C PHE C 318 39.38 4.50 -13.79
N GLU C 319 38.29 4.10 -14.45
CA GLU C 319 37.59 2.92 -13.99
C GLU C 319 38.25 1.70 -14.65
N ASP C 320 37.98 0.49 -14.15
CA ASP C 320 38.53 -0.69 -14.76
C ASP C 320 37.85 -0.92 -16.10
N LEU C 321 38.61 -0.87 -17.23
CA LEU C 321 38.01 -0.94 -18.56
C LEU C 321 37.05 -2.10 -18.63
N ARG C 322 37.40 -3.19 -17.93
CA ARG C 322 36.57 -4.40 -17.95
C ARG C 322 35.16 -4.11 -17.55
N VAL C 323 35.01 -3.44 -16.42
CA VAL C 323 33.69 -3.09 -15.90
C VAL C 323 32.99 -2.03 -16.77
N SER C 324 33.74 -0.96 -17.14
CA SER C 324 33.20 0.05 -18.04
C SER C 324 32.59 -0.59 -19.26
N SER C 325 33.27 -1.55 -19.89
CA SER C 325 32.73 -2.20 -21.08
C SER C 325 31.55 -3.07 -20.73
N PHE C 326 31.54 -3.56 -19.50
CA PHE C 326 30.55 -4.51 -19.12
C PHE C 326 29.25 -3.77 -19.07
N ILE C 327 29.26 -2.66 -18.34
CA ILE C 327 28.10 -1.82 -18.14
C ILE C 327 27.71 -1.08 -19.45
N ARG C 328 28.76 -0.63 -20.15
CA ARG C 328 28.61 0.09 -21.40
C ARG C 328 27.82 -0.72 -22.39
N GLY C 329 28.14 -1.99 -22.51
CA GLY C 329 27.40 -2.79 -23.45
C GLY C 329 28.24 -3.18 -24.62
N THR C 330 29.34 -2.43 -24.81
CA THR C 330 30.28 -2.61 -25.93
C THR C 330 31.73 -2.33 -25.54
N LYS C 331 32.65 -2.76 -26.38
CA LYS C 331 34.06 -2.48 -26.04
C LYS C 331 34.37 -1.04 -25.58
N VAL C 332 35.13 -0.94 -24.50
CA VAL C 332 35.59 0.32 -24.02
C VAL C 332 37.09 0.32 -24.22
N VAL C 333 37.46 0.80 -25.39
CA VAL C 333 38.85 0.73 -25.78
C VAL C 333 39.73 1.71 -25.01
N PRO C 334 40.98 1.33 -24.69
CA PRO C 334 41.99 2.15 -24.00
C PRO C 334 42.32 3.42 -24.72
N ARG C 335 42.90 4.37 -23.98
CA ARG C 335 43.13 5.71 -24.49
C ARG C 335 44.04 5.63 -25.69
N GLY C 336 45.16 4.94 -25.57
CA GLY C 336 46.09 4.88 -26.72
C GLY C 336 45.43 4.44 -28.03
N LYS C 337 44.63 3.40 -27.97
CA LYS C 337 43.99 2.85 -29.14
C LYS C 337 42.80 3.66 -29.54
N LEU C 338 42.53 4.74 -28.81
CA LEU C 338 41.41 5.58 -29.13
C LEU C 338 41.71 6.56 -30.21
N SER C 339 40.87 6.57 -31.22
CA SER C 339 41.01 7.49 -32.33
C SER C 339 40.33 8.85 -32.19
N THR C 340 41.00 9.75 -31.48
CA THR C 340 40.47 11.10 -31.33
C THR C 340 41.44 11.92 -30.46
N ARG C 341 41.39 13.24 -30.69
CA ARG C 341 42.39 14.13 -30.10
C ARG C 341 41.67 15.03 -29.10
N GLY C 342 40.35 15.13 -29.23
CA GLY C 342 39.65 16.00 -28.34
C GLY C 342 38.39 16.43 -28.97
N VAL C 343 37.41 16.71 -28.13
CA VAL C 343 36.09 16.97 -28.61
C VAL C 343 35.93 18.39 -29.14
N GLN C 344 36.66 19.33 -28.52
CA GLN C 344 36.61 20.73 -28.94
C GLN C 344 37.45 20.88 -30.17
N ILE C 345 37.02 21.79 -31.01
CA ILE C 345 37.69 22.02 -32.26
C ILE C 345 38.59 23.25 -32.11
N ALA C 346 39.87 23.09 -32.44
CA ALA C 346 40.83 24.17 -32.34
C ALA C 346 40.73 25.11 -33.53
N SER C 347 41.11 26.38 -33.28
CA SER C 347 41.11 27.48 -34.32
C SER C 347 42.00 27.15 -35.54
N ASN C 348 42.88 26.19 -35.34
CA ASN C 348 43.83 25.79 -36.31
C ASN C 348 43.14 25.09 -37.45
N GLU C 349 42.16 24.24 -37.13
CA GLU C 349 41.60 23.31 -38.09
C GLU C 349 40.75 24.00 -39.06
N ASN C 350 40.29 23.32 -40.09
CA ASN C 350 39.44 24.00 -41.04
C ASN C 350 38.15 23.29 -41.08
N MET C 351 37.13 23.96 -41.57
CA MET C 351 35.81 23.35 -41.64
C MET C 351 35.54 22.55 -42.92
N GLU C 352 36.36 22.77 -43.94
CA GLU C 352 36.07 22.19 -45.23
C GLU C 352 36.05 20.70 -45.00
N THR C 353 37.09 20.19 -44.35
CA THR C 353 37.24 18.77 -44.14
C THR C 353 36.70 18.39 -42.78
N MET C 354 35.47 18.78 -42.50
CA MET C 354 34.91 18.53 -41.17
C MET C 354 33.47 18.03 -41.34
N GLU C 355 33.09 17.04 -40.55
CA GLU C 355 31.74 16.51 -40.60
C GLU C 355 31.34 16.12 -39.17
N SER C 356 30.12 15.60 -39.00
CA SER C 356 29.60 15.40 -37.65
C SER C 356 28.86 14.09 -37.51
N SER C 357 29.00 13.39 -36.38
CA SER C 357 28.30 12.15 -36.15
C SER C 357 27.39 12.18 -34.93
N THR C 358 26.54 11.18 -34.80
CA THR C 358 25.61 11.08 -33.71
C THR C 358 26.25 10.18 -32.65
N LEU C 359 26.38 10.75 -31.44
CA LEU C 359 27.11 10.13 -30.37
C LEU C 359 26.30 9.02 -29.76
N GLU C 360 26.92 7.85 -29.60
CA GLU C 360 26.27 6.71 -28.95
C GLU C 360 26.51 6.77 -27.44
N LEU C 361 25.49 7.24 -26.71
CA LEU C 361 25.62 7.39 -25.23
C LEU C 361 24.84 6.42 -24.37
N ARG C 362 24.01 5.61 -25.04
CA ARG C 362 23.25 4.57 -24.37
C ARG C 362 24.19 3.57 -23.69
N SER C 363 23.74 2.93 -22.62
CA SER C 363 24.52 1.91 -21.94
C SER C 363 23.69 0.66 -21.73
N ARG C 364 24.35 -0.44 -21.42
CA ARG C 364 23.65 -1.71 -21.27
C ARG C 364 22.94 -1.72 -19.91
N TYR C 365 23.73 -1.68 -18.85
CA TYR C 365 23.17 -1.62 -17.52
C TYR C 365 23.56 -0.28 -16.90
N TRP C 366 23.30 -0.15 -15.60
CA TRP C 366 23.74 0.98 -14.80
C TRP C 366 24.18 0.52 -13.45
N ALA C 367 24.92 1.38 -12.77
CA ALA C 367 25.47 1.06 -11.48
C ALA C 367 25.55 2.23 -10.49
N ILE C 368 25.35 1.97 -9.21
CA ILE C 368 25.34 3.08 -8.30
C ILE C 368 26.71 3.77 -8.28
N ARG C 369 26.89 4.92 -8.94
CA ARG C 369 28.24 5.52 -8.90
C ARG C 369 28.61 5.63 -7.42
N THR C 370 29.67 4.92 -6.97
CA THR C 370 30.07 4.95 -5.53
C THR C 370 31.08 6.03 -5.15
N ARG C 371 31.45 6.01 -3.87
CA ARG C 371 32.43 6.93 -3.31
C ARG C 371 33.58 6.15 -2.68
N SER C 372 33.22 5.07 -2.02
CA SER C 372 34.15 4.10 -1.42
C SER C 372 35.28 3.58 -2.31
N GLY C 373 36.49 3.50 -1.77
CA GLY C 373 37.59 2.84 -2.46
C GLY C 373 37.74 1.32 -2.21
N GLY C 374 36.77 0.65 -1.52
CA GLY C 374 36.95 -0.77 -1.08
C GLY C 374 37.99 -1.03 0.03
N ASN C 375 37.80 -2.07 0.83
CA ASN C 375 38.86 -2.51 1.77
C ASN C 375 38.73 -4.00 2.23
N THR C 376 39.87 -4.62 2.58
CA THR C 376 39.84 -5.99 3.15
C THR C 376 40.42 -6.03 4.58
N ASP C 435 41.87 -9.01 -4.68
CA ASP C 435 40.98 -8.76 -3.54
C ASP C 435 39.67 -8.14 -3.92
N VAL C 436 38.60 -8.90 -3.75
CA VAL C 436 37.26 -8.51 -4.17
C VAL C 436 36.78 -7.31 -3.37
N SER C 437 36.29 -6.25 -4.03
CA SER C 437 35.59 -5.11 -3.34
C SER C 437 34.07 -5.01 -3.64
N PHE C 438 33.36 -4.17 -2.87
CA PHE C 438 31.92 -3.99 -3.06
C PHE C 438 31.23 -5.34 -3.10
N GLN C 439 31.59 -6.18 -2.13
CA GLN C 439 31.05 -7.55 -2.05
C GLN C 439 29.52 -7.52 -2.11
N GLY C 440 28.90 -8.35 -2.94
CA GLY C 440 27.44 -8.31 -3.06
C GLY C 440 26.80 -7.21 -3.95
N ARG C 441 27.46 -6.03 -4.08
CA ARG C 441 27.03 -4.95 -4.96
C ARG C 441 27.08 -5.41 -6.39
N GLY C 442 26.10 -5.01 -7.20
CA GLY C 442 26.04 -5.44 -8.60
C GLY C 442 25.59 -4.34 -9.56
N VAL C 443 25.08 -4.76 -10.71
CA VAL C 443 24.71 -3.81 -11.76
C VAL C 443 23.23 -3.92 -11.93
N PHE C 444 22.61 -2.84 -12.39
CA PHE C 444 21.17 -2.91 -12.52
C PHE C 444 20.75 -2.76 -13.95
N GLU C 445 19.70 -3.47 -14.32
CA GLU C 445 19.07 -3.29 -15.61
C GLU C 445 18.49 -1.88 -15.66
N LEU C 446 18.28 -1.41 -16.89
CA LEU C 446 17.76 -0.07 -17.07
C LEU C 446 16.27 -0.02 -16.82
N SER C 447 15.60 -1.19 -16.73
CA SER C 447 14.21 -1.25 -16.31
C SER C 447 14.11 -1.14 -14.78
N ASP C 448 15.11 -1.62 -14.07
CA ASP C 448 15.09 -1.71 -12.62
C ASP C 448 15.26 -0.37 -11.99
N GLU C 449 14.15 0.35 -11.95
CA GLU C 449 14.18 1.75 -11.54
C GLU C 449 14.62 1.90 -10.11
N LYS C 450 13.96 1.10 -9.28
CA LYS C 450 14.28 0.93 -7.87
C LYS C 450 15.60 0.16 -7.82
N ALA C 451 16.28 0.18 -6.70
CA ALA C 451 17.52 -0.61 -6.64
C ALA C 451 17.26 -2.09 -6.31
N THR C 452 16.07 -2.56 -6.64
CA THR C 452 15.60 -3.87 -6.28
C THR C 452 16.55 -5.00 -6.53
N SER C 453 16.60 -5.52 -7.76
CA SER C 453 17.44 -6.67 -8.06
C SER C 453 18.79 -6.40 -8.71
N PRO C 454 19.88 -6.76 -8.02
CA PRO C 454 21.29 -6.52 -8.43
C PRO C 454 21.80 -7.65 -9.30
N ILE C 455 22.85 -7.39 -10.10
CA ILE C 455 23.37 -8.41 -10.99
C ILE C 455 24.84 -8.44 -10.82
N VAL C 456 25.37 -9.63 -10.59
CA VAL C 456 26.80 -9.77 -10.36
C VAL C 456 27.54 -10.18 -11.63
N PRO C 457 28.53 -9.40 -12.04
CA PRO C 457 29.31 -9.68 -13.23
C PRO C 457 30.43 -10.66 -12.98
N SER C 458 30.63 -11.52 -13.96
CA SER C 458 31.66 -12.52 -13.87
C SER C 458 32.61 -12.15 -15.00
N PHE C 459 33.84 -11.79 -14.67
CA PHE C 459 34.83 -11.37 -15.69
C PHE C 459 35.67 -12.45 -16.39
N ASP C 460 35.37 -13.74 -16.13
CA ASP C 460 36.04 -14.81 -16.84
C ASP C 460 35.67 -14.50 -18.29
N MET C 461 36.64 -14.02 -19.07
CA MET C 461 36.29 -13.48 -20.41
C MET C 461 37.50 -12.96 -21.18
N SER C 462 37.39 -12.84 -22.49
CA SER C 462 38.53 -12.32 -23.24
C SER C 462 38.35 -10.85 -23.20
N ASN C 463 38.96 -10.23 -22.20
CA ASN C 463 38.82 -8.79 -21.95
C ASN C 463 39.77 -8.01 -22.84
N GLU C 464 39.99 -6.73 -22.53
CA GLU C 464 40.88 -5.89 -23.34
C GLU C 464 41.69 -4.93 -22.44
N GLY C 465 42.16 -5.38 -21.28
CA GLY C 465 42.84 -4.45 -20.38
C GLY C 465 41.98 -3.98 -19.20
N SER C 466 42.62 -3.19 -18.34
CA SER C 466 41.93 -2.59 -17.22
C SER C 466 42.31 -1.12 -17.05
N TYR C 467 43.41 -0.68 -17.61
CA TYR C 467 43.88 0.67 -17.42
C TYR C 467 43.64 1.58 -18.63
N PHE C 468 42.54 2.34 -18.64
CA PHE C 468 42.33 3.29 -19.70
C PHE C 468 43.60 4.04 -20.11
N PHE C 469 44.53 4.25 -19.18
CA PHE C 469 45.76 4.96 -19.51
C PHE C 469 47.05 4.09 -19.45
N SER D 1 57.47 3.20 -18.57
CA SER D 1 56.06 3.04 -18.13
C SER D 1 55.18 4.20 -18.61
N SER D 2 55.11 5.25 -17.77
CA SER D 2 54.22 6.41 -17.96
C SER D 2 52.70 6.05 -18.04
N GLY D 3 52.28 4.93 -17.46
CA GLY D 3 50.89 4.56 -17.67
C GLY D 3 50.17 4.47 -16.35
N GLN D 4 48.95 3.98 -16.34
CA GLN D 4 48.29 3.73 -15.06
C GLN D 4 48.91 2.55 -14.25
N ILE D 5 48.51 2.37 -13.00
CA ILE D 5 49.06 1.33 -12.09
C ILE D 5 47.97 0.78 -11.14
N SER D 6 46.92 1.57 -11.00
CA SER D 6 45.78 1.19 -10.19
C SER D 6 44.52 1.69 -10.89
N ILE D 7 43.39 1.10 -10.52
CA ILE D 7 42.10 1.51 -11.03
C ILE D 7 41.28 2.24 -9.97
N GLN D 8 40.82 3.45 -10.30
CA GLN D 8 39.89 4.23 -9.43
C GLN D 8 38.47 3.74 -9.63
N PRO D 9 37.80 3.27 -8.59
CA PRO D 9 36.48 2.67 -8.86
C PRO D 9 35.35 3.70 -9.03
N THR D 10 34.53 3.53 -10.05
CA THR D 10 33.48 4.51 -10.31
C THR D 10 32.16 3.90 -9.99
N PHE D 11 32.04 2.59 -9.92
CA PHE D 11 30.73 2.02 -9.62
C PHE D 11 30.74 1.01 -8.49
N SER D 12 29.55 0.68 -8.00
CA SER D 12 29.45 -0.21 -6.89
C SER D 12 29.15 -1.61 -7.46
N VAL D 13 30.20 -2.40 -7.66
CA VAL D 13 30.00 -3.78 -8.10
C VAL D 13 31.08 -4.72 -7.55
N GLN D 14 30.79 -6.01 -7.56
CA GLN D 14 31.77 -7.03 -7.18
C GLN D 14 32.93 -7.10 -8.17
N ARG D 15 34.00 -6.40 -7.81
CA ARG D 15 35.16 -6.27 -8.69
C ARG D 15 36.51 -6.27 -7.99
N ASN D 16 37.33 -7.25 -8.37
CA ASN D 16 38.72 -7.26 -7.93
C ASN D 16 39.35 -5.94 -8.33
N LEU D 17 39.83 -5.15 -7.40
CA LEU D 17 40.37 -3.90 -7.84
C LEU D 17 41.84 -3.97 -8.23
N PRO D 18 42.18 -3.79 -9.52
CA PRO D 18 43.57 -3.86 -10.03
C PRO D 18 44.56 -2.79 -9.61
N PHE D 19 45.74 -3.29 -9.23
CA PHE D 19 46.93 -2.47 -8.93
C PHE D 19 48.13 -3.32 -9.24
#